data_5JO0
#
_entry.id   5JO0
#
_cell.length_a   51.755
_cell.length_b   55.951
_cell.length_c   85.619
_cell.angle_alpha   103.44
_cell.angle_beta   103.03
_cell.angle_gamma   100.49
#
_symmetry.space_group_name_H-M   'P 1'
#
loop_
_entity.id
_entity.type
_entity.pdbx_description
1 polymer '1-deoxy-D-xylulose 5-phosphate reductoisomerase, apicoplastic'
2 non-polymer '[(2R)-2-{2-[hydroxy(methyl)amino]-2-oxoethyl}-5-(3-methylphenyl)pentyl]phosphonic acid'
3 non-polymer 'MANGANESE (II) ION'
4 non-polymer GLYCEROL
5 non-polymer 1,2-ETHANEDIOL
6 non-polymer morpholine
7 water water
#
_entity_poly.entity_id   1
_entity_poly.type   'polypeptide(L)'
_entity_poly.pdbx_seq_one_letter_code
;MAHHHHHHKKPINVAIFGSTGSIGTNALNIIRECNKIENVFNVKALYVNKSVNELYEQAREFLPEYLCIHDKSVYEELKE
LVKNIKDYKPIILCGDEGMKEICSSNSIDKIVIGIDSFQGLYSTMYAIMNNKIVALANKESIVSAGFFLKKLLNIHKNAK
IIPVDSEHSAIFQCLDNNKVLKTKCLQDNFSKINNINKIFLCSSGGPFQNLTMDELKNVTSENALKHPKWKMGKKITIDS
ATMMNKGLEVIETHFLFDVDYNDIEVIVHKECIIHSCVEFIDKSVISQMYYPDMQIPILYSLTWPDRIKTNLKPLDLAQV
STLTFHKPSLEHFPCIKLAYQAGIKGNFYPTVLNASNEIANNLFLNNKIKYFDISSIISQVLESFNSQKVSENSEDLMKQ
ILQIHSWAKDKATDIYNKHNSS
;
_entity_poly.pdbx_strand_id   A,B
#
loop_
_chem_comp.id
_chem_comp.type
_chem_comp.name
_chem_comp.formula
6LR non-polymer morpholine 'C4 H9 N O'
EDO non-polymer 1,2-ETHANEDIOL 'C2 H6 O2'
GOL non-polymer GLYCEROL 'C3 H8 O3'
L56 non-polymer '[(2R)-2-{2-[hydroxy(methyl)amino]-2-oxoethyl}-5-(3-methylphenyl)pentyl]phosphonic acid' 'C15 H24 N O5 P'
MN non-polymer 'MANGANESE (II) ION' 'Mn 2'
#
# COMPACT_ATOMS: atom_id res chain seq x y z
N PRO A 11 8.52 8.45 25.11
CA PRO A 11 7.25 7.75 25.32
C PRO A 11 6.06 8.55 24.79
N ILE A 12 5.09 7.85 24.20
CA ILE A 12 3.91 8.46 23.59
C ILE A 12 2.83 8.63 24.66
N ASN A 13 2.51 9.89 24.97
CA ASN A 13 1.58 10.22 26.04
C ASN A 13 0.15 10.33 25.50
N VAL A 14 -0.69 9.37 25.88
N VAL A 14 -0.68 9.37 25.88
CA VAL A 14 -2.03 9.23 25.28
CA VAL A 14 -2.02 9.20 25.32
C VAL A 14 -3.15 9.35 26.30
C VAL A 14 -3.08 9.50 26.36
N ALA A 15 -4.17 10.11 25.92
CA ALA A 15 -5.41 10.22 26.67
C ALA A 15 -6.45 9.40 25.94
N ILE A 16 -7.30 8.71 26.71
CA ILE A 16 -8.40 7.94 26.11
C ILE A 16 -9.71 8.52 26.62
N PHE A 17 -10.48 9.08 25.68
CA PHE A 17 -11.79 9.65 25.96
C PHE A 17 -12.85 8.62 25.59
N GLY A 18 -13.64 8.19 26.57
CA GLY A 18 -14.55 7.06 26.38
C GLY A 18 -13.84 5.72 26.54
N SER A 19 -13.03 5.60 27.60
CA SER A 19 -12.12 4.46 27.73
C SER A 19 -12.78 3.10 28.00
N THR A 20 -14.07 3.09 28.39
CA THR A 20 -14.79 1.84 28.64
C THR A 20 -15.67 1.38 27.48
N GLY A 21 -15.77 2.18 26.41
CA GLY A 21 -16.46 1.77 25.19
C GLY A 21 -15.61 0.87 24.32
N SER A 22 -16.14 0.51 23.15
CA SER A 22 -15.48 -0.45 22.25
C SER A 22 -14.10 0.02 21.76
N ILE A 23 -14.02 1.27 21.32
CA ILE A 23 -12.77 1.82 20.80
C ILE A 23 -11.78 1.96 21.96
N GLY A 24 -12.27 2.47 23.08
CA GLY A 24 -11.46 2.72 24.25
C GLY A 24 -10.83 1.47 24.83
N THR A 25 -11.61 0.38 24.93
CA THR A 25 -11.06 -0.88 25.44
C THR A 25 -10.11 -1.52 24.44
N ASN A 26 -10.44 -1.47 23.15
CA ASN A 26 -9.52 -1.98 22.11
C ASN A 26 -8.19 -1.21 22.12
N ALA A 27 -8.25 0.10 22.37
CA ALA A 27 -7.06 0.93 22.47
C ALA A 27 -6.17 0.52 23.65
N LEU A 28 -6.79 0.30 24.80
CA LEU A 28 -6.05 -0.12 25.99
C LEU A 28 -5.49 -1.52 25.85
N ASN A 29 -6.21 -2.41 25.18
CA ASN A 29 -5.70 -3.74 24.86
C ASN A 29 -4.44 -3.70 24.00
N ILE A 30 -4.47 -2.95 22.90
CA ILE A 30 -3.30 -2.90 22.02
C ILE A 30 -2.14 -2.16 22.68
N ILE A 31 -2.44 -1.15 23.48
CA ILE A 31 -1.42 -0.44 24.26
C ILE A 31 -0.77 -1.39 25.26
N ARG A 32 -1.59 -2.19 25.93
CA ARG A 32 -1.09 -3.19 26.87
C ARG A 32 -0.16 -4.17 26.16
N GLU A 33 -0.64 -4.74 25.06
CA GLU A 33 0.14 -5.75 24.36
C GLU A 33 1.45 -5.20 23.80
N CYS A 34 1.41 -4.03 23.16
CA CYS A 34 2.63 -3.41 22.64
C CYS A 34 3.61 -3.01 23.74
N ASN A 35 3.11 -2.56 24.88
CA ASN A 35 3.98 -2.18 26.00
C ASN A 35 4.75 -3.35 26.60
N LYS A 36 4.19 -4.55 26.48
CA LYS A 36 4.93 -5.78 26.89
C LYS A 36 6.15 -6.03 26.02
N ILE A 37 6.07 -5.62 24.75
CA ILE A 37 7.18 -5.79 23.81
C ILE A 37 8.22 -4.69 24.02
N GLU A 38 7.75 -3.45 24.13
CA GLU A 38 8.62 -2.31 24.41
C GLU A 38 7.78 -1.23 25.02
N ASN A 39 8.30 -0.57 26.05
CA ASN A 39 7.57 0.52 26.68
C ASN A 39 7.51 1.74 25.75
N VAL A 40 6.39 1.88 25.07
CA VAL A 40 6.17 2.91 24.06
C VAL A 40 5.15 3.96 24.52
N PHE A 41 4.13 3.52 25.26
CA PHE A 41 3.00 4.36 25.60
C PHE A 41 2.92 4.62 27.09
N ASN A 42 2.61 5.86 27.43
CA ASN A 42 2.20 6.22 28.78
C ASN A 42 0.77 6.71 28.65
N VAL A 43 -0.15 5.99 29.27
CA VAL A 43 -1.54 6.38 29.29
C VAL A 43 -1.64 7.47 30.37
N LYS A 44 -1.79 8.73 29.95
CA LYS A 44 -1.74 9.87 30.88
C LYS A 44 -3.08 10.33 31.40
N ALA A 45 -4.16 9.92 30.75
CA ALA A 45 -5.50 10.34 31.13
C ALA A 45 -6.56 9.35 30.64
N LEU A 46 -7.55 9.12 31.48
CA LEU A 46 -8.71 8.31 31.14
C LEU A 46 -9.94 9.14 31.50
N TYR A 47 -10.95 9.08 30.64
CA TYR A 47 -12.16 9.88 30.77
C TYR A 47 -13.32 8.96 30.43
N VAL A 48 -14.29 8.83 31.34
CA VAL A 48 -15.50 8.03 31.09
C VAL A 48 -16.72 8.84 31.54
N ASN A 49 -17.90 8.36 31.18
CA ASN A 49 -19.15 9.05 31.55
C ASN A 49 -19.52 8.71 33.01
N LYS A 50 -19.90 7.45 33.25
CA LYS A 50 -20.35 6.98 34.58
C LYS A 50 -19.86 5.58 35.05
N SER A 51 -19.03 4.89 34.25
CA SER A 51 -18.56 3.54 34.60
C SER A 51 -17.37 3.67 35.54
N VAL A 52 -17.67 4.06 36.78
CA VAL A 52 -16.65 4.35 37.80
C VAL A 52 -15.87 3.10 38.25
N ASN A 53 -16.51 1.93 38.23
CA ASN A 53 -15.85 0.66 38.60
C ASN A 53 -14.85 0.19 37.53
N GLU A 54 -15.29 0.21 36.27
CA GLU A 54 -14.40 -0.10 35.13
C GLU A 54 -13.24 0.88 35.05
N LEU A 55 -13.52 2.18 35.26
CA LEU A 55 -12.48 3.21 35.33
C LEU A 55 -11.47 2.94 36.45
N TYR A 56 -11.95 2.47 37.59
CA TYR A 56 -11.07 2.08 38.71
C TYR A 56 -10.13 0.94 38.29
N GLU A 57 -10.68 -0.10 37.67
CA GLU A 57 -9.91 -1.26 37.19
C GLU A 57 -8.85 -0.86 36.15
N GLN A 58 -9.22 0.01 35.21
CA GLN A 58 -8.28 0.53 34.23
C GLN A 58 -7.22 1.39 34.91
N ALA A 59 -7.65 2.25 35.84
CA ALA A 59 -6.71 3.09 36.57
C ALA A 59 -5.69 2.26 37.38
N ARG A 60 -6.12 1.10 37.88
CA ARG A 60 -5.25 0.20 38.65
C ARG A 60 -4.12 -0.35 37.76
N GLU A 61 -4.45 -0.71 36.53
CA GLU A 61 -3.46 -1.17 35.56
C GLU A 61 -2.59 -0.05 34.96
N PHE A 62 -3.21 1.02 34.46
CA PHE A 62 -2.51 2.04 33.66
C PHE A 62 -1.97 3.23 34.44
N LEU A 63 -2.47 3.45 35.66
CA LEU A 63 -2.02 4.53 36.56
C LEU A 63 -1.86 5.92 35.89
N PRO A 64 -2.93 6.40 35.24
CA PRO A 64 -2.81 7.69 34.56
C PRO A 64 -2.74 8.88 35.51
N GLU A 65 -1.99 9.91 35.09
CA GLU A 65 -1.83 11.15 35.86
C GLU A 65 -3.17 11.84 36.08
N TYR A 66 -4.07 11.76 35.08
CA TYR A 66 -5.40 12.33 35.15
C TYR A 66 -6.46 11.23 35.11
N LEU A 67 -7.50 11.38 35.93
CA LEU A 67 -8.73 10.61 35.77
C LEU A 67 -9.84 11.63 35.69
N CYS A 68 -10.85 11.33 34.87
CA CYS A 68 -11.98 12.22 34.71
C CYS A 68 -13.27 11.44 34.54
N ILE A 69 -14.32 11.96 35.16
CA ILE A 69 -15.62 11.33 35.18
C ILE A 69 -16.63 12.44 34.88
N HIS A 70 -17.44 12.25 33.83
CA HIS A 70 -18.37 13.29 33.38
C HIS A 70 -19.51 13.49 34.37
N ASP A 71 -20.04 12.38 34.89
CA ASP A 71 -21.09 12.42 35.92
C ASP A 71 -20.53 12.93 37.25
N LYS A 72 -20.90 14.16 37.61
CA LYS A 72 -20.51 14.79 38.89
C LYS A 72 -20.84 13.93 40.12
N SER A 73 -21.94 13.19 40.07
CA SER A 73 -22.44 12.40 41.21
C SER A 73 -21.48 11.31 41.71
N VAL A 74 -20.93 10.54 40.77
CA VAL A 74 -20.00 9.44 41.13
C VAL A 74 -18.52 9.87 41.33
N TYR A 75 -18.28 11.19 41.30
CA TYR A 75 -16.97 11.76 41.66
C TYR A 75 -16.45 11.34 43.04
N GLU A 76 -17.36 11.23 44.01
CA GLU A 76 -17.00 10.85 45.38
C GLU A 76 -16.65 9.37 45.48
N GLU A 77 -17.40 8.52 44.78
CA GLU A 77 -17.12 7.09 44.72
C GLU A 77 -15.76 6.77 44.06
N LEU A 78 -15.39 7.56 43.05
CA LEU A 78 -14.07 7.43 42.40
C LEU A 78 -12.91 7.83 43.32
N LYS A 79 -13.10 8.89 44.12
CA LYS A 79 -12.11 9.28 45.13
C LYS A 79 -11.77 8.12 46.07
N GLU A 80 -12.80 7.44 46.58
CA GLU A 80 -12.62 6.40 47.58
C GLU A 80 -12.04 5.10 47.00
N LEU A 81 -12.46 4.72 45.79
CA LEU A 81 -11.90 3.54 45.11
C LEU A 81 -10.41 3.72 44.83
N VAL A 82 -10.04 4.89 44.33
CA VAL A 82 -8.65 5.15 43.92
C VAL A 82 -7.67 5.22 45.12
N LYS A 83 -8.18 5.45 46.34
CA LYS A 83 -7.34 5.31 47.56
C LYS A 83 -6.83 3.87 47.76
N ASN A 84 -7.58 2.89 47.25
CA ASN A 84 -7.17 1.48 47.25
C ASN A 84 -5.87 1.20 46.47
N ILE A 85 -5.60 1.98 45.43
CA ILE A 85 -4.40 1.77 44.59
C ILE A 85 -3.19 2.37 45.30
N LYS A 86 -2.10 1.61 45.31
CA LYS A 86 -0.91 1.96 46.10
C LYS A 86 0.03 2.81 45.26
N ASP A 87 0.73 3.73 45.92
CA ASP A 87 1.77 4.56 45.29
C ASP A 87 1.22 5.37 44.10
N TYR A 88 0.07 6.01 44.30
CA TYR A 88 -0.71 6.58 43.20
C TYR A 88 -1.61 7.72 43.65
N LYS A 89 -1.23 8.96 43.29
CA LYS A 89 -2.04 10.16 43.58
C LYS A 89 -2.40 10.90 42.28
N PRO A 90 -3.48 10.48 41.61
CA PRO A 90 -3.87 11.09 40.34
C PRO A 90 -4.68 12.37 40.51
N ILE A 91 -4.60 13.23 39.51
CA ILE A 91 -5.43 14.44 39.47
C ILE A 91 -6.81 14.01 38.99
N ILE A 92 -7.78 13.98 39.91
CA ILE A 92 -9.13 13.52 39.61
C ILE A 92 -9.99 14.74 39.30
N LEU A 93 -10.43 14.84 38.05
CA LEU A 93 -11.25 15.95 37.57
C LEU A 93 -12.65 15.45 37.25
N CYS A 94 -13.54 16.36 36.90
CA CYS A 94 -14.93 16.00 36.58
C CYS A 94 -15.58 16.94 35.57
N GLY A 95 -16.55 16.41 34.85
CA GLY A 95 -17.31 17.17 33.86
C GLY A 95 -16.51 17.70 32.68
N ASP A 96 -17.10 18.67 32.01
CA ASP A 96 -16.47 19.31 30.85
C ASP A 96 -15.26 20.14 31.26
N GLU A 97 -15.26 20.67 32.48
CA GLU A 97 -14.11 21.40 32.99
C GLU A 97 -12.87 20.51 33.12
N GLY A 98 -13.07 19.23 33.44
CA GLY A 98 -11.97 18.28 33.60
C GLY A 98 -11.42 17.82 32.26
N MET A 99 -12.34 17.51 31.34
CA MET A 99 -12.01 17.23 29.94
C MET A 99 -11.10 18.32 29.34
N LYS A 100 -11.44 19.59 29.61
CA LYS A 100 -10.69 20.73 29.09
C LYS A 100 -9.31 20.90 29.71
N GLU A 101 -9.19 20.63 31.01
CA GLU A 101 -7.90 20.71 31.68
C GLU A 101 -6.97 19.61 31.14
N ILE A 102 -7.54 18.43 30.88
CA ILE A 102 -6.80 17.33 30.25
C ILE A 102 -6.33 17.75 28.85
N CYS A 103 -7.23 18.31 28.05
CA CYS A 103 -6.88 18.82 26.72
C CYS A 103 -5.78 19.88 26.77
N SER A 104 -5.77 20.73 27.81
CA SER A 104 -4.75 21.76 27.94
C SER A 104 -3.43 21.31 28.57
N SER A 105 -3.36 20.07 29.07
CA SER A 105 -2.10 19.54 29.62
C SER A 105 -1.02 19.48 28.55
N ASN A 106 0.15 20.00 28.88
CA ASN A 106 1.31 19.93 27.98
C ASN A 106 1.97 18.54 28.01
N SER A 107 1.58 17.68 28.96
CA SER A 107 2.09 16.31 29.01
C SER A 107 1.20 15.27 28.29
N ILE A 108 0.26 15.74 27.45
CA ILE A 108 -0.55 14.84 26.60
C ILE A 108 -0.33 15.22 25.14
N ASP A 109 0.03 14.21 24.35
CA ASP A 109 0.32 14.38 22.93
C ASP A 109 -0.87 14.00 22.08
N LYS A 110 -1.53 12.89 22.43
CA LYS A 110 -2.52 12.26 21.57
C LYS A 110 -3.76 11.90 22.35
N ILE A 111 -4.90 12.10 21.72
CA ILE A 111 -6.17 11.83 22.33
C ILE A 111 -7.00 10.94 21.44
N VAL A 112 -7.38 9.77 21.97
CA VAL A 112 -8.29 8.87 21.31
C VAL A 112 -9.71 9.24 21.71
N ILE A 113 -10.54 9.56 20.72
CA ILE A 113 -11.91 9.94 20.97
C ILE A 113 -12.83 8.81 20.53
N GLY A 114 -13.26 8.02 21.52
CA GLY A 114 -14.22 6.94 21.35
C GLY A 114 -15.50 7.26 22.10
N ILE A 115 -16.10 8.40 21.77
CA ILE A 115 -17.37 8.84 22.32
C ILE A 115 -18.27 9.10 21.11
N ASP A 116 -19.56 8.82 21.25
CA ASP A 116 -20.58 9.13 20.23
C ASP A 116 -21.28 10.45 20.54
N SER A 117 -22.10 10.93 19.60
CA SER A 117 -22.94 12.12 19.78
C SER A 117 -22.13 13.42 19.99
N PHE A 118 -22.81 14.48 20.42
CA PHE A 118 -22.23 15.82 20.64
C PHE A 118 -20.96 15.82 21.51
N GLN A 119 -20.95 15.03 22.58
CA GLN A 119 -19.82 15.01 23.52
C GLN A 119 -18.51 14.58 22.85
N GLY A 120 -18.60 13.67 21.87
CA GLY A 120 -17.47 13.29 21.03
C GLY A 120 -16.95 14.47 20.23
N LEU A 121 -17.86 15.19 19.59
CA LEU A 121 -17.52 16.42 18.86
C LEU A 121 -16.99 17.52 19.79
N TYR A 122 -17.60 17.69 20.96
CA TYR A 122 -17.20 18.73 21.90
C TYR A 122 -15.76 18.50 22.39
N SER A 123 -15.44 17.26 22.74
CA SER A 123 -14.09 16.90 23.17
CA SER A 123 -14.09 16.91 23.17
C SER A 123 -13.09 17.04 22.01
N THR A 124 -13.50 16.61 20.81
CA THR A 124 -12.67 16.79 19.60
C THR A 124 -12.29 18.26 19.42
N MET A 125 -13.28 19.13 19.46
CA MET A 125 -13.08 20.58 19.35
C MET A 125 -12.03 21.10 20.33
N TYR A 126 -12.20 20.78 21.61
CA TYR A 126 -11.23 21.16 22.63
C TYR A 126 -9.85 20.54 22.47
N ALA A 127 -9.78 19.30 21.99
CA ALA A 127 -8.50 18.68 21.64
C ALA A 127 -7.80 19.47 20.54
N ILE A 128 -8.56 19.83 19.50
CA ILE A 128 -8.02 20.60 18.39
C ILE A 128 -7.56 21.99 18.85
N MET A 129 -8.37 22.62 19.68
CA MET A 129 -8.05 23.93 20.23
C MET A 129 -6.76 23.96 21.03
N ASN A 130 -6.36 22.81 21.60
CA ASN A 130 -5.08 22.65 22.29
C ASN A 130 -3.98 21.99 21.44
N ASN A 131 -4.18 21.96 20.13
CA ASN A 131 -3.15 21.54 19.18
C ASN A 131 -2.68 20.09 19.37
N LYS A 132 -3.61 19.23 19.78
CA LYS A 132 -3.33 17.80 19.97
C LYS A 132 -3.50 16.99 18.70
N ILE A 133 -2.90 15.81 18.69
CA ILE A 133 -3.22 14.79 17.68
C ILE A 133 -4.49 14.08 18.19
N VAL A 134 -5.53 14.04 17.35
CA VAL A 134 -6.83 13.48 17.73
C VAL A 134 -7.09 12.25 16.90
N ALA A 135 -7.06 11.09 17.55
CA ALA A 135 -7.40 9.83 16.90
C ALA A 135 -8.93 9.66 16.95
N LEU A 136 -9.57 9.90 15.80
CA LEU A 136 -11.01 10.09 15.75
C LEU A 136 -11.71 8.88 15.12
N ALA A 137 -12.55 8.23 15.93
CA ALA A 137 -13.34 7.08 15.50
C ALA A 137 -14.81 7.44 15.17
N ASN A 138 -15.30 8.59 15.65
CA ASN A 138 -16.69 9.00 15.44
C ASN A 138 -16.93 9.55 14.02
N LYS A 139 -17.30 8.66 13.09
CA LYS A 139 -17.57 9.07 11.71
C LYS A 139 -18.74 10.05 11.58
N GLU A 140 -19.76 9.89 12.41
CA GLU A 140 -20.93 10.79 12.40
C GLU A 140 -20.54 12.25 12.67
N SER A 141 -19.53 12.47 13.51
CA SER A 141 -19.03 13.82 13.80
C SER A 141 -18.37 14.50 12.59
N ILE A 142 -17.64 13.71 11.79
CA ILE A 142 -17.04 14.22 10.55
C ILE A 142 -18.10 14.50 9.50
N VAL A 143 -19.08 13.60 9.38
CA VAL A 143 -20.16 13.78 8.40
C VAL A 143 -21.00 15.01 8.74
N SER A 144 -21.30 15.17 10.02
CA SER A 144 -22.19 16.22 10.46
C SER A 144 -21.53 17.57 10.60
N ALA A 145 -20.27 17.59 11.01
CA ALA A 145 -19.59 18.83 11.38
C ALA A 145 -18.27 19.04 10.66
N GLY A 146 -18.14 18.44 9.48
CA GLY A 146 -16.92 18.50 8.67
C GLY A 146 -16.40 19.91 8.40
N PHE A 147 -17.31 20.81 7.98
CA PHE A 147 -16.97 22.24 7.77
C PHE A 147 -16.40 22.89 9.01
N PHE A 148 -17.05 22.63 10.14
CA PHE A 148 -16.62 23.16 11.41
C PHE A 148 -15.24 22.61 11.80
N LEU A 149 -15.04 21.29 11.69
CA LEU A 149 -13.72 20.71 11.97
C LEU A 149 -12.63 21.27 11.06
N LYS A 150 -12.94 21.40 9.77
CA LYS A 150 -11.99 21.98 8.81
C LYS A 150 -11.55 23.41 9.19
N LYS A 151 -12.53 24.25 9.51
CA LYS A 151 -12.26 25.61 9.99
C LYS A 151 -11.36 25.63 11.22
N LEU A 152 -11.68 24.79 12.19
CA LEU A 152 -10.92 24.70 13.44
C LEU A 152 -9.47 24.25 13.19
N LEU A 153 -9.29 23.29 12.28
CA LEU A 153 -7.94 22.82 11.91
C LEU A 153 -7.13 23.83 11.12
N ASN A 154 -7.79 24.71 10.38
CA ASN A 154 -7.08 25.75 9.63
C ASN A 154 -6.49 26.77 10.61
N ILE A 155 -7.24 27.04 11.68
CA ILE A 155 -6.83 27.96 12.75
C ILE A 155 -5.73 27.32 13.62
N HIS A 156 -5.99 26.12 14.11
CA HIS A 156 -5.07 25.43 15.03
C HIS A 156 -4.13 24.56 14.22
N LYS A 157 -3.02 25.17 13.80
CA LYS A 157 -2.20 24.61 12.74
C LYS A 157 -1.49 23.32 13.11
N ASN A 158 -1.15 23.15 14.38
CA ASN A 158 -0.50 21.93 14.84
C ASN A 158 -1.45 20.79 15.21
N ALA A 159 -2.76 21.06 15.34
CA ALA A 159 -3.74 20.02 15.62
C ALA A 159 -3.89 19.16 14.38
N LYS A 160 -4.18 17.88 14.59
CA LYS A 160 -4.36 16.92 13.51
C LYS A 160 -5.44 15.93 13.89
N ILE A 161 -6.29 15.57 12.92
CA ILE A 161 -7.18 14.42 13.06
C ILE A 161 -6.52 13.26 12.34
N ILE A 162 -6.40 12.12 13.02
CA ILE A 162 -5.91 10.90 12.41
C ILE A 162 -7.09 9.93 12.44
N PRO A 163 -7.51 9.39 11.28
CA PRO A 163 -8.70 8.54 11.26
C PRO A 163 -8.47 7.16 11.85
N VAL A 164 -9.47 6.67 12.58
CA VAL A 164 -9.47 5.35 13.20
C VAL A 164 -10.44 4.37 12.52
N ASP A 165 -11.49 4.87 11.86
CA ASP A 165 -12.39 4.03 11.05
C ASP A 165 -11.50 3.12 10.17
N SER A 166 -11.81 1.81 10.09
CA SER A 166 -10.93 0.84 9.44
C SER A 166 -10.60 1.19 8.00
N GLU A 167 -11.58 1.68 7.26
CA GLU A 167 -11.41 1.97 5.85
C GLU A 167 -10.57 3.23 5.69
N HIS A 168 -10.79 4.20 6.56
CA HIS A 168 -10.10 5.46 6.47
C HIS A 168 -8.69 5.34 6.99
N SER A 169 -8.49 4.52 8.03
CA SER A 169 -7.14 4.13 8.44
C SER A 169 -6.40 3.41 7.31
N ALA A 170 -7.10 2.50 6.62
CA ALA A 170 -6.50 1.76 5.50
C ALA A 170 -5.99 2.75 4.46
N ILE A 171 -6.85 3.67 4.06
CA ILE A 171 -6.49 4.69 3.06
C ILE A 171 -5.28 5.48 3.54
N PHE A 172 -5.34 5.95 4.78
CA PHE A 172 -4.28 6.72 5.38
C PHE A 172 -2.95 5.94 5.38
N GLN A 173 -3.03 4.64 5.71
CA GLN A 173 -1.86 3.75 5.70
C GLN A 173 -1.27 3.52 4.31
N CYS A 174 -2.08 3.67 3.27
CA CYS A 174 -1.62 3.55 1.89
C CYS A 174 -0.89 4.79 1.36
N LEU A 175 -0.92 5.88 2.12
CA LEU A 175 -0.34 7.15 1.67
C LEU A 175 1.12 7.24 2.05
N ASP A 176 1.85 8.04 1.28
CA ASP A 176 3.27 8.25 1.48
C ASP A 176 3.42 9.34 2.55
N ASN A 177 3.98 9.00 3.72
CA ASN A 177 4.10 9.99 4.79
C ASN A 177 5.02 11.17 4.48
N ASN A 178 5.92 11.00 3.53
CA ASN A 178 6.69 12.11 3.01
C ASN A 178 5.75 13.17 2.41
N LYS A 179 4.65 12.76 1.78
CA LYS A 179 3.58 13.67 1.33
C LYS A 179 2.59 14.07 2.43
N VAL A 180 2.13 13.11 3.23
CA VAL A 180 1.16 13.40 4.31
C VAL A 180 1.72 14.49 5.24
N LEU A 181 3.01 14.40 5.55
CA LEU A 181 3.64 15.37 6.47
C LEU A 181 3.68 16.81 5.93
N LYS A 182 3.46 17.01 4.63
CA LYS A 182 3.34 18.36 4.04
C LYS A 182 1.95 18.97 4.22
N THR A 183 0.98 18.19 4.69
CA THR A 183 -0.41 18.64 4.80
C THR A 183 -0.97 17.98 6.07
N LYS A 184 -2.27 17.74 6.12
CA LYS A 184 -2.91 16.95 7.17
C LYS A 184 -4.36 16.71 6.75
N CYS A 185 -4.98 15.72 7.37
CA CYS A 185 -6.36 15.37 7.04
C CYS A 185 -7.32 16.55 7.26
N LEU A 186 -8.42 16.53 6.51
CA LEU A 186 -9.46 17.56 6.58
C LEU A 186 -8.93 18.92 6.17
N GLN A 187 -8.01 18.93 5.21
CA GLN A 187 -7.48 20.16 4.63
C GLN A 187 -7.71 20.17 3.16
N ASP A 188 -7.93 21.37 2.63
CA ASP A 188 -8.00 21.58 1.20
C ASP A 188 -6.69 21.14 0.57
N ASN A 189 -6.78 20.55 -0.61
CA ASN A 189 -5.64 20.11 -1.41
C ASN A 189 -4.93 18.84 -0.91
N PHE A 190 -5.51 18.15 0.08
CA PHE A 190 -4.88 16.97 0.63
C PHE A 190 -4.67 15.93 -0.48
N SER A 191 -5.68 15.72 -1.32
CA SER A 191 -5.57 14.71 -2.37
C SER A 191 -4.56 15.07 -3.43
N LYS A 192 -4.51 16.35 -3.82
CA LYS A 192 -3.47 16.87 -4.75
C LYS A 192 -2.05 16.65 -4.24
N ILE A 193 -1.79 17.02 -2.99
CA ILE A 193 -0.47 16.84 -2.40
C ILE A 193 -0.06 15.37 -2.29
N ASN A 194 -1.04 14.49 -2.06
CA ASN A 194 -0.80 13.07 -1.93
C ASN A 194 -0.94 12.28 -3.25
N ASN A 195 -1.17 12.97 -4.37
CA ASN A 195 -1.26 12.35 -5.69
C ASN A 195 -2.38 11.31 -5.78
N ILE A 196 -3.46 11.52 -5.01
CA ILE A 196 -4.59 10.60 -4.97
C ILE A 196 -5.50 10.89 -6.16
N ASN A 197 -5.83 9.85 -6.90
CA ASN A 197 -6.79 9.96 -8.00
C ASN A 197 -8.19 9.48 -7.65
N LYS A 198 -8.26 8.36 -6.95
CA LYS A 198 -9.52 7.68 -6.71
C LYS A 198 -9.40 6.77 -5.49
N ILE A 199 -10.52 6.54 -4.81
CA ILE A 199 -10.55 5.66 -3.63
C ILE A 199 -11.55 4.52 -3.86
N PHE A 200 -11.09 3.29 -3.59
CA PHE A 200 -11.96 2.13 -3.47
C PHE A 200 -12.27 1.96 -2.00
N LEU A 201 -13.52 2.19 -1.65
CA LEU A 201 -13.98 2.09 -0.26
C LEU A 201 -14.64 0.71 -0.09
N CYS A 202 -13.98 -0.19 0.63
CA CYS A 202 -14.41 -1.56 0.74
C CYS A 202 -15.51 -1.73 1.76
N SER A 203 -16.49 -2.56 1.43
CA SER A 203 -17.64 -2.82 2.28
C SER A 203 -17.81 -4.32 2.43
N SER A 204 -18.13 -4.77 3.64
CA SER A 204 -18.50 -6.16 3.86
C SER A 204 -19.75 -6.48 3.03
N GLY A 205 -20.60 -5.47 2.79
CA GLY A 205 -21.88 -5.64 2.11
C GLY A 205 -23.06 -5.96 3.02
N GLY A 206 -22.78 -6.32 4.27
CA GLY A 206 -23.81 -6.63 5.26
C GLY A 206 -24.53 -7.94 4.97
N PRO A 207 -25.54 -8.27 5.79
CA PRO A 207 -26.22 -9.56 5.63
C PRO A 207 -27.13 -9.72 4.40
N PHE A 208 -27.46 -8.65 3.67
CA PHE A 208 -28.49 -8.69 2.63
C PHE A 208 -28.04 -8.66 1.16
N GLN A 209 -26.76 -8.95 0.86
CA GLN A 209 -26.27 -8.78 -0.53
C GLN A 209 -26.91 -9.65 -1.59
N ASN A 210 -27.37 -10.84 -1.24
CA ASN A 210 -27.95 -11.71 -2.26
C ASN A 210 -29.48 -11.64 -2.32
N LEU A 211 -30.08 -10.80 -1.46
CA LEU A 211 -31.54 -10.72 -1.35
C LEU A 211 -32.15 -9.98 -2.50
N THR A 212 -33.30 -10.48 -2.95
CA THR A 212 -34.08 -9.81 -3.99
C THR A 212 -34.75 -8.57 -3.40
N MET A 213 -35.27 -7.72 -4.27
CA MET A 213 -36.06 -6.55 -3.85
C MET A 213 -37.26 -6.99 -3.00
N ASP A 214 -37.96 -8.05 -3.41
CA ASP A 214 -39.11 -8.56 -2.65
C ASP A 214 -38.72 -9.08 -1.28
N GLU A 215 -37.60 -9.78 -1.18
CA GLU A 215 -37.08 -10.21 0.13
C GLU A 215 -36.68 -9.02 1.01
N LEU A 216 -36.03 -8.01 0.43
CA LEU A 216 -35.64 -6.82 1.18
C LEU A 216 -36.85 -6.08 1.77
N LYS A 217 -37.97 -6.12 1.05
CA LYS A 217 -39.20 -5.49 1.53
C LYS A 217 -39.59 -5.89 2.95
N ASN A 218 -39.35 -7.15 3.32
CA ASN A 218 -39.77 -7.71 4.62
C ASN A 218 -38.67 -8.09 5.59
N VAL A 219 -37.41 -7.71 5.33
CA VAL A 219 -36.37 -7.96 6.33
C VAL A 219 -36.67 -7.13 7.58
N THR A 220 -36.42 -7.71 8.74
CA THR A 220 -36.56 -7.04 10.03
C THR A 220 -35.19 -6.79 10.63
N SER A 221 -35.16 -6.03 11.72
CA SER A 221 -33.92 -5.77 12.45
C SER A 221 -33.32 -7.03 13.06
N GLU A 222 -34.17 -8.02 13.38
CA GLU A 222 -33.69 -9.31 13.86
C GLU A 222 -32.84 -10.01 12.80
N ASN A 223 -33.24 -9.91 11.53
CA ASN A 223 -32.43 -10.42 10.39
C ASN A 223 -31.10 -9.66 10.26
N ALA A 224 -31.14 -8.34 10.45
CA ALA A 224 -29.95 -7.50 10.42
C ALA A 224 -29.00 -7.82 11.59
N LEU A 225 -29.58 -8.03 12.77
CA LEU A 225 -28.83 -8.29 14.01
C LEU A 225 -28.48 -9.76 14.27
N LYS A 226 -29.12 -10.71 13.57
CA LYS A 226 -28.67 -12.10 13.58
C LYS A 226 -27.42 -12.19 12.70
N HIS A 227 -26.31 -11.71 13.25
CA HIS A 227 -25.07 -11.49 12.51
C HIS A 227 -23.92 -11.89 13.43
N PRO A 228 -23.86 -13.18 13.82
CA PRO A 228 -22.77 -13.64 14.69
C PRO A 228 -21.46 -13.73 13.91
N LYS A 229 -20.84 -12.57 13.69
CA LYS A 229 -19.64 -12.45 12.86
C LYS A 229 -18.58 -11.54 13.50
N TRP A 230 -18.93 -10.27 13.73
CA TRP A 230 -18.03 -9.32 14.41
C TRP A 230 -18.76 -8.52 15.47
N LYS A 231 -18.09 -8.33 16.61
CA LYS A 231 -18.61 -7.55 17.71
C LYS A 231 -18.68 -6.09 17.29
N MET A 232 -19.89 -5.64 16.97
CA MET A 232 -20.18 -4.22 16.84
C MET A 232 -21.63 -3.91 17.28
N GLY A 233 -21.86 -2.66 17.64
CA GLY A 233 -23.13 -2.22 18.23
C GLY A 233 -24.30 -2.27 17.26
N LYS A 234 -25.49 -2.07 17.81
CA LYS A 234 -26.73 -2.24 17.04
C LYS A 234 -26.89 -1.19 15.95
N LYS A 235 -26.62 0.07 16.27
CA LYS A 235 -26.77 1.17 15.31
C LYS A 235 -25.89 0.92 14.06
N ILE A 236 -24.60 0.66 14.26
CA ILE A 236 -23.72 0.38 13.11
C ILE A 236 -24.08 -0.92 12.38
N THR A 237 -24.57 -1.92 13.11
CA THR A 237 -25.02 -3.17 12.48
C THR A 237 -26.21 -2.89 11.55
N ILE A 238 -27.16 -2.08 11.98
CA ILE A 238 -28.25 -1.66 11.10
C ILE A 238 -27.73 -0.84 9.90
N ASP A 239 -26.78 0.07 10.15
CA ASP A 239 -26.17 0.84 9.05
C ASP A 239 -25.43 -0.05 8.07
N SER A 240 -24.81 -1.13 8.54
CA SER A 240 -24.14 -2.09 7.67
C SER A 240 -25.15 -2.82 6.79
N ALA A 241 -26.31 -3.13 7.37
CA ALA A 241 -27.38 -3.83 6.67
C ALA A 241 -27.97 -3.00 5.54
N THR A 242 -28.13 -1.70 5.78
CA THR A 242 -28.65 -0.79 4.75
C THR A 242 -27.57 -0.25 3.80
N MET A 243 -26.30 -0.48 4.15
CA MET A 243 -25.14 0.15 3.50
C MET A 243 -25.11 1.67 3.74
N MET A 244 -25.90 2.20 4.67
CA MET A 244 -25.74 3.60 5.05
C MET A 244 -24.41 3.80 5.76
N ASN A 245 -23.87 2.76 6.38
CA ASN A 245 -22.55 2.87 6.99
C ASN A 245 -21.53 3.29 5.93
N LYS A 246 -21.54 2.61 4.80
CA LYS A 246 -20.65 2.95 3.70
C LYS A 246 -21.00 4.32 3.11
N GLY A 247 -22.28 4.65 3.08
CA GLY A 247 -22.73 5.97 2.65
C GLY A 247 -22.11 7.08 3.47
N LEU A 248 -22.18 6.94 4.78
CA LEU A 248 -21.56 7.90 5.69
C LEU A 248 -20.05 7.93 5.51
N GLU A 249 -19.45 6.77 5.31
CA GLU A 249 -18.00 6.67 5.06
C GLU A 249 -17.52 7.34 3.76
N VAL A 250 -18.36 7.34 2.72
CA VAL A 250 -18.09 8.10 1.52
C VAL A 250 -17.91 9.58 1.84
N ILE A 251 -18.88 10.13 2.57
CA ILE A 251 -18.81 11.54 2.97
C ILE A 251 -17.58 11.77 3.85
N GLU A 252 -17.33 10.85 4.78
CA GLU A 252 -16.14 10.93 5.62
C GLU A 252 -14.86 10.95 4.79
N THR A 253 -14.79 10.10 3.77
CA THR A 253 -13.69 10.07 2.83
C THR A 253 -13.48 11.41 2.15
N HIS A 254 -14.56 11.96 1.61
CA HIS A 254 -14.51 13.26 0.96
C HIS A 254 -13.91 14.31 1.86
N PHE A 255 -14.36 14.37 3.12
CA PHE A 255 -13.86 15.37 4.05
C PHE A 255 -12.43 15.14 4.54
N LEU A 256 -12.13 13.93 4.98
CA LEU A 256 -10.79 13.62 5.47
C LEU A 256 -9.69 13.83 4.41
N PHE A 257 -9.95 13.39 3.19
CA PHE A 257 -8.92 13.30 2.17
C PHE A 257 -9.15 14.21 0.96
N ASP A 258 -10.23 15.00 0.96
CA ASP A 258 -10.56 15.93 -0.13
C ASP A 258 -10.58 15.22 -1.49
N VAL A 259 -11.29 14.10 -1.53
CA VAL A 259 -11.48 13.33 -2.75
C VAL A 259 -12.90 13.63 -3.24
N ASP A 260 -13.02 13.95 -4.53
CA ASP A 260 -14.31 14.23 -5.18
C ASP A 260 -15.22 13.00 -5.09
N TYR A 261 -16.52 13.22 -4.94
CA TYR A 261 -17.49 12.11 -4.88
C TYR A 261 -17.47 11.20 -6.11
N ASN A 262 -17.26 11.76 -7.30
CA ASN A 262 -17.12 10.96 -8.51
C ASN A 262 -15.87 10.07 -8.51
N ASP A 263 -14.93 10.35 -7.61
CA ASP A 263 -13.70 9.56 -7.46
C ASP A 263 -13.71 8.65 -6.21
N ILE A 264 -14.88 8.39 -5.63
CA ILE A 264 -14.99 7.42 -4.53
C ILE A 264 -15.92 6.31 -4.99
N GLU A 265 -15.44 5.07 -4.94
CA GLU A 265 -16.17 3.90 -5.41
C GLU A 265 -16.38 2.96 -4.24
N VAL A 266 -17.64 2.64 -3.95
CA VAL A 266 -17.95 1.62 -2.98
C VAL A 266 -17.87 0.26 -3.67
N ILE A 267 -17.17 -0.66 -3.03
CA ILE A 267 -17.00 -1.99 -3.58
C ILE A 267 -17.22 -3.01 -2.49
N VAL A 268 -18.04 -4.03 -2.79
CA VAL A 268 -18.37 -5.07 -1.83
C VAL A 268 -17.29 -6.14 -1.86
N HIS A 269 -16.65 -6.31 -0.72
CA HIS A 269 -15.57 -7.26 -0.51
C HIS A 269 -15.92 -8.08 0.72
N LYS A 270 -16.60 -9.20 0.51
CA LYS A 270 -17.20 -9.92 1.64
C LYS A 270 -16.22 -10.55 2.62
N GLU A 271 -14.99 -10.81 2.17
CA GLU A 271 -13.97 -11.42 3.03
C GLU A 271 -13.39 -10.44 4.07
N CYS A 272 -13.54 -9.12 3.86
CA CYS A 272 -13.06 -8.08 4.79
C CYS A 272 -11.56 -8.21 5.14
N ILE A 273 -10.76 -8.65 4.17
CA ILE A 273 -9.31 -8.66 4.28
C ILE A 273 -8.71 -7.36 3.76
N ILE A 274 -9.00 -7.00 2.50
CA ILE A 274 -8.67 -5.68 1.97
C ILE A 274 -9.59 -4.65 2.63
N HIS A 275 -9.01 -3.65 3.26
CA HIS A 275 -9.81 -2.70 4.04
C HIS A 275 -10.16 -1.44 3.33
N SER A 276 -9.39 -1.11 2.29
CA SER A 276 -9.70 -0.13 1.26
C SER A 276 -8.44 0.05 0.42
N CYS A 277 -8.58 0.74 -0.72
CA CYS A 277 -7.50 0.93 -1.68
C CYS A 277 -7.47 2.37 -2.18
N VAL A 278 -6.27 2.82 -2.49
CA VAL A 278 -6.04 4.16 -3.04
C VAL A 278 -5.44 3.99 -4.43
N GLU A 279 -6.09 4.58 -5.43
CA GLU A 279 -5.52 4.71 -6.76
C GLU A 279 -4.83 6.06 -6.86
N PHE A 280 -3.54 6.05 -7.17
CA PHE A 280 -2.79 7.27 -7.38
C PHE A 280 -2.91 7.75 -8.83
N ILE A 281 -2.41 8.95 -9.08
CA ILE A 281 -2.56 9.59 -10.40
C ILE A 281 -1.87 8.86 -11.56
N ASP A 282 -0.91 8.00 -11.24
CA ASP A 282 -0.31 7.10 -12.23
C ASP A 282 -1.14 5.85 -12.55
N LYS A 283 -2.21 5.62 -11.78
CA LYS A 283 -3.10 4.44 -11.80
C LYS A 283 -2.59 3.22 -11.04
N SER A 284 -1.44 3.34 -10.39
CA SER A 284 -1.02 2.33 -9.43
C SER A 284 -1.97 2.36 -8.24
N VAL A 285 -2.35 1.19 -7.74
CA VAL A 285 -3.26 1.07 -6.63
C VAL A 285 -2.52 0.43 -5.46
N ILE A 286 -2.63 1.04 -4.29
CA ILE A 286 -2.04 0.52 -3.05
C ILE A 286 -3.21 0.20 -2.11
N SER A 287 -3.16 -0.95 -1.45
CA SER A 287 -4.20 -1.36 -0.54
C SER A 287 -3.61 -1.81 0.78
N GLN A 288 -4.42 -1.73 1.83
CA GLN A 288 -4.03 -2.24 3.13
C GLN A 288 -4.92 -3.44 3.42
N MET A 289 -4.31 -4.46 4.03
CA MET A 289 -4.88 -5.74 4.25
C MET A 289 -4.55 -6.24 5.65
N TYR A 290 -5.56 -6.83 6.30
CA TYR A 290 -5.37 -7.56 7.54
C TYR A 290 -6.70 -8.29 7.85
N TYR A 291 -6.68 -9.22 8.79
CA TYR A 291 -7.93 -9.74 9.34
C TYR A 291 -8.77 -8.59 9.90
N PRO A 292 -10.10 -8.74 9.88
CA PRO A 292 -10.94 -7.71 10.48
C PRO A 292 -10.59 -7.57 11.98
N ASP A 293 -9.99 -6.46 12.36
CA ASP A 293 -9.51 -6.26 13.74
C ASP A 293 -9.27 -4.79 13.93
N MET A 294 -9.95 -4.18 14.90
CA MET A 294 -9.82 -2.72 15.11
C MET A 294 -8.50 -2.31 15.74
N GLN A 295 -7.72 -3.25 16.26
CA GLN A 295 -6.46 -2.91 16.92
C GLN A 295 -5.42 -2.28 15.97
N ILE A 296 -5.35 -2.72 14.72
CA ILE A 296 -4.39 -2.11 13.80
C ILE A 296 -4.73 -0.64 13.49
N PRO A 297 -5.99 -0.34 13.12
CA PRO A 297 -6.33 1.08 12.88
C PRO A 297 -6.11 1.95 14.12
N ILE A 298 -6.48 1.47 15.30
CA ILE A 298 -6.24 2.22 16.51
C ILE A 298 -4.74 2.43 16.75
N LEU A 299 -3.96 1.35 16.65
CA LEU A 299 -2.53 1.45 16.89
C LEU A 299 -1.87 2.43 15.92
N TYR A 300 -2.16 2.30 14.64
CA TYR A 300 -1.57 3.20 13.65
C TYR A 300 -1.86 4.67 13.96
N SER A 301 -3.06 4.99 14.45
CA SER A 301 -3.40 6.37 14.81
C SER A 301 -2.50 6.90 15.94
N LEU A 302 -2.07 5.99 16.82
CA LEU A 302 -1.20 6.34 17.96
C LEU A 302 0.29 6.33 17.63
N THR A 303 0.69 5.55 16.63
CA THR A 303 2.09 5.49 16.23
C THR A 303 2.47 6.32 15.00
N TRP A 304 1.50 6.66 14.16
CA TRP A 304 1.75 7.47 12.98
C TRP A 304 2.65 8.66 13.32
N PRO A 305 3.67 8.94 12.49
CA PRO A 305 4.06 8.32 11.21
C PRO A 305 4.97 7.08 11.30
N ASP A 306 5.13 6.49 12.46
N ASP A 306 5.13 6.51 12.48
CA ASP A 306 5.93 5.27 12.63
CA ASP A 306 5.90 5.27 12.64
C ASP A 306 5.00 4.07 12.85
C ASP A 306 4.97 4.06 12.79
N ARG A 307 5.57 2.88 12.81
CA ARG A 307 4.89 1.65 13.21
C ARG A 307 5.72 1.00 14.29
N ILE A 308 5.07 0.21 15.15
CA ILE A 308 5.78 -0.52 16.20
C ILE A 308 5.45 -2.00 16.13
N LYS A 309 6.26 -2.81 16.79
CA LYS A 309 6.02 -4.24 16.85
C LYS A 309 4.74 -4.62 17.59
N THR A 310 4.00 -5.58 17.05
CA THR A 310 2.90 -6.24 17.77
C THR A 310 3.10 -7.74 17.73
N ASN A 311 2.29 -8.43 18.53
CA ASN A 311 2.23 -9.89 18.52
C ASN A 311 0.91 -10.38 17.93
N LEU A 312 0.29 -9.58 17.05
CA LEU A 312 -0.93 -9.99 16.36
C LEU A 312 -0.60 -11.15 15.42
N LYS A 313 -1.60 -11.98 15.17
CA LYS A 313 -1.48 -13.10 14.25
C LYS A 313 -1.14 -12.61 12.82
N PRO A 314 -0.09 -13.16 12.20
CA PRO A 314 0.20 -12.76 10.80
C PRO A 314 -0.85 -13.22 9.80
N LEU A 315 -1.17 -12.35 8.85
CA LEU A 315 -2.06 -12.65 7.76
C LEU A 315 -1.52 -13.82 6.94
N ASP A 316 -2.32 -14.86 6.83
CA ASP A 316 -1.97 -16.05 6.07
C ASP A 316 -2.76 -16.01 4.77
N LEU A 317 -2.16 -15.42 3.74
CA LEU A 317 -2.84 -15.24 2.45
C LEU A 317 -3.23 -16.53 1.74
N ALA A 318 -2.36 -17.53 1.77
CA ALA A 318 -2.69 -18.83 1.18
C ALA A 318 -3.90 -19.48 1.86
N GLN A 319 -4.01 -19.35 3.18
CA GLN A 319 -5.18 -19.84 3.91
C GLN A 319 -6.44 -19.06 3.54
N VAL A 320 -6.33 -17.75 3.47
CA VAL A 320 -7.45 -16.89 3.02
C VAL A 320 -7.92 -17.37 1.67
N SER A 321 -6.97 -17.57 0.75
CA SER A 321 -7.20 -18.25 -0.53
C SER A 321 -7.88 -17.42 -1.63
N THR A 322 -8.99 -16.76 -1.32
CA THR A 322 -9.80 -16.06 -2.31
C THR A 322 -10.26 -14.71 -1.75
N LEU A 323 -10.14 -13.67 -2.56
CA LEU A 323 -10.69 -12.37 -2.27
C LEU A 323 -11.63 -12.00 -3.42
N THR A 324 -12.83 -11.51 -3.10
CA THR A 324 -13.82 -11.20 -4.14
C THR A 324 -14.26 -9.75 -4.04
N PHE A 325 -14.72 -9.22 -5.17
CA PHE A 325 -15.15 -7.83 -5.27
C PHE A 325 -16.33 -7.74 -6.23
N HIS A 326 -17.33 -6.95 -5.87
CA HIS A 326 -18.42 -6.64 -6.79
C HIS A 326 -19.08 -5.31 -6.47
N LYS A 327 -19.73 -4.73 -7.49
CA LYS A 327 -20.44 -3.48 -7.35
C LYS A 327 -21.69 -3.68 -6.51
N PRO A 328 -21.96 -2.79 -5.56
CA PRO A 328 -23.26 -2.84 -4.86
C PRO A 328 -24.40 -2.36 -5.76
N SER A 329 -25.58 -2.91 -5.58
CA SER A 329 -26.76 -2.49 -6.32
C SER A 329 -27.40 -1.31 -5.62
N LEU A 330 -27.44 -0.15 -6.28
CA LEU A 330 -28.07 1.04 -5.67
C LEU A 330 -29.60 0.93 -5.54
N GLU A 331 -30.23 0.04 -6.32
CA GLU A 331 -31.67 -0.23 -6.19
C GLU A 331 -31.94 -0.97 -4.87
N HIS A 332 -31.08 -1.92 -4.54
CA HIS A 332 -31.20 -2.72 -3.34
C HIS A 332 -30.73 -1.98 -2.09
N PHE A 333 -29.79 -1.04 -2.27
CA PHE A 333 -29.21 -0.28 -1.16
C PHE A 333 -29.26 1.22 -1.49
N PRO A 334 -30.49 1.78 -1.58
CA PRO A 334 -30.71 3.19 -1.91
C PRO A 334 -30.07 4.19 -0.92
N CYS A 335 -29.82 3.77 0.31
CA CYS A 335 -29.06 4.61 1.25
C CYS A 335 -27.71 5.09 0.70
N ILE A 336 -27.05 4.25 -0.10
CA ILE A 336 -25.78 4.64 -0.72
C ILE A 336 -26.00 5.78 -1.69
N LYS A 337 -27.01 5.67 -2.54
CA LYS A 337 -27.33 6.73 -3.48
C LYS A 337 -27.65 8.04 -2.76
N LEU A 338 -28.40 7.96 -1.66
CA LEU A 338 -28.79 9.15 -0.90
C LEU A 338 -27.58 9.85 -0.28
N ALA A 339 -26.62 9.06 0.20
CA ALA A 339 -25.39 9.58 0.77
C ALA A 339 -24.59 10.35 -0.25
N TYR A 340 -24.43 9.78 -1.46
CA TYR A 340 -23.76 10.48 -2.55
C TYR A 340 -24.47 11.76 -2.90
N GLN A 341 -25.79 11.69 -3.00
CA GLN A 341 -26.59 12.86 -3.38
C GLN A 341 -26.44 13.99 -2.36
N ALA A 342 -26.53 13.65 -1.08
CA ALA A 342 -26.34 14.61 0.01
C ALA A 342 -24.91 15.19 0.00
N GLY A 343 -23.92 14.33 -0.20
CA GLY A 343 -22.53 14.77 -0.30
C GLY A 343 -22.29 15.74 -1.45
N ILE A 344 -22.75 15.35 -2.64
CA ILE A 344 -22.59 16.13 -3.85
C ILE A 344 -23.31 17.48 -3.71
N LYS A 345 -24.51 17.48 -3.14
CA LYS A 345 -25.25 18.73 -2.94
C LYS A 345 -24.52 19.64 -1.92
N GLY A 346 -23.78 19.05 -0.98
CA GLY A 346 -22.91 19.82 -0.10
C GLY A 346 -23.71 20.58 0.94
N ASN A 347 -23.24 21.77 1.31
CA ASN A 347 -23.92 22.59 2.31
C ASN A 347 -24.12 21.73 3.57
N PHE A 348 -25.29 21.80 4.23
CA PHE A 348 -25.54 20.99 5.42
C PHE A 348 -26.33 19.71 5.12
N TYR A 349 -26.41 19.33 3.85
CA TYR A 349 -27.11 18.11 3.50
C TYR A 349 -26.54 16.85 4.20
N PRO A 350 -25.20 16.74 4.34
CA PRO A 350 -24.67 15.60 5.13
C PRO A 350 -25.11 15.61 6.60
N THR A 351 -25.20 16.78 7.22
CA THR A 351 -25.76 16.91 8.58
C THR A 351 -27.18 16.36 8.63
N VAL A 352 -27.98 16.75 7.63
CA VAL A 352 -29.36 16.31 7.52
C VAL A 352 -29.45 14.79 7.28
N LEU A 353 -28.59 14.29 6.40
CA LEU A 353 -28.51 12.86 6.12
C LEU A 353 -28.25 12.07 7.39
N ASN A 354 -27.23 12.51 8.13
CA ASN A 354 -26.82 11.82 9.36
C ASN A 354 -27.93 11.83 10.44
N ALA A 355 -28.52 13.00 10.64
CA ALA A 355 -29.58 13.19 11.60
C ALA A 355 -30.82 12.35 11.27
N SER A 356 -31.27 12.42 10.02
CA SER A 356 -32.45 11.66 9.61
C SER A 356 -32.20 10.16 9.68
N ASN A 357 -30.99 9.75 9.31
CA ASN A 357 -30.62 8.33 9.44
C ASN A 357 -30.63 7.87 10.90
N GLU A 358 -30.19 8.73 11.82
CA GLU A 358 -30.22 8.40 13.23
C GLU A 358 -31.64 8.01 13.69
N ILE A 359 -32.62 8.78 13.25
CA ILE A 359 -34.03 8.49 13.56
C ILE A 359 -34.51 7.24 12.80
N ALA A 360 -34.26 7.18 11.51
CA ALA A 360 -34.76 6.06 10.69
C ALA A 360 -34.15 4.71 11.12
N ASN A 361 -32.85 4.71 11.38
CA ASN A 361 -32.14 3.52 11.88
C ASN A 361 -32.79 2.98 13.15
N ASN A 362 -33.04 3.89 14.10
CA ASN A 362 -33.64 3.53 15.38
C ASN A 362 -35.10 3.03 15.26
N LEU A 363 -35.88 3.63 14.35
CA LEU A 363 -37.25 3.16 14.08
C LEU A 363 -37.27 1.75 13.49
N PHE A 364 -36.35 1.46 12.57
CA PHE A 364 -36.20 0.11 12.03
C PHE A 364 -35.70 -0.86 13.09
N LEU A 365 -34.72 -0.44 13.89
CA LEU A 365 -34.21 -1.26 14.98
C LEU A 365 -35.33 -1.74 15.90
N ASN A 366 -36.29 -0.86 16.19
CA ASN A 366 -37.44 -1.16 17.05
C ASN A 366 -38.72 -1.60 16.32
N ASN A 367 -38.58 -2.08 15.09
CA ASN A 367 -39.68 -2.66 14.29
C ASN A 367 -40.85 -1.70 14.05
N LYS A 368 -40.56 -0.41 13.91
CA LYS A 368 -41.59 0.60 13.69
C LYS A 368 -41.77 0.88 12.21
N ILE A 369 -40.75 0.57 11.41
CA ILE A 369 -40.80 0.79 9.97
C ILE A 369 -40.11 -0.35 9.27
N LYS A 370 -40.26 -0.39 7.96
CA LYS A 370 -39.68 -1.44 7.14
C LYS A 370 -38.40 -0.95 6.46
N TYR A 371 -37.65 -1.88 5.87
CA TYR A 371 -36.34 -1.60 5.25
C TYR A 371 -36.35 -0.41 4.33
N PHE A 372 -37.26 -0.39 3.37
CA PHE A 372 -37.29 0.71 2.38
C PHE A 372 -37.89 2.01 2.91
N ASP A 373 -38.59 1.93 4.04
CA ASP A 373 -39.01 3.14 4.75
C ASP A 373 -37.81 3.94 5.32
N ILE A 374 -36.69 3.27 5.60
CA ILE A 374 -35.50 3.96 6.10
C ILE A 374 -35.07 4.99 5.08
N SER A 375 -34.81 4.51 3.87
CA SER A 375 -34.42 5.35 2.75
C SER A 375 -35.53 6.33 2.36
N SER A 376 -36.80 5.90 2.43
CA SER A 376 -37.91 6.80 2.12
C SER A 376 -37.92 8.01 3.08
N ILE A 377 -37.80 7.75 4.38
CA ILE A 377 -37.81 8.83 5.38
C ILE A 377 -36.63 9.78 5.15
N ILE A 378 -35.44 9.23 4.99
CA ILE A 378 -34.22 10.03 4.77
C ILE A 378 -34.38 10.92 3.52
N SER A 379 -34.86 10.32 2.44
CA SER A 379 -35.10 11.04 1.21
C SER A 379 -36.03 12.25 1.40
N GLN A 380 -37.13 12.07 2.13
CA GLN A 380 -38.12 13.14 2.31
C GLN A 380 -37.56 14.28 3.15
N VAL A 381 -36.75 13.94 4.17
CA VAL A 381 -36.10 14.97 4.98
C VAL A 381 -35.11 15.77 4.15
N LEU A 382 -34.27 15.07 3.37
CA LEU A 382 -33.36 15.72 2.45
C LEU A 382 -34.09 16.63 1.45
N GLU A 383 -35.21 16.14 0.92
CA GLU A 383 -36.04 16.93 -0.02
C GLU A 383 -36.62 18.21 0.62
N SER A 384 -36.92 18.14 1.91
CA SER A 384 -37.45 19.29 2.67
C SER A 384 -36.41 20.33 3.07
N PHE A 385 -35.12 19.98 3.04
CA PHE A 385 -34.10 20.86 3.57
C PHE A 385 -33.73 21.93 2.54
N ASN A 386 -33.72 23.17 2.99
CA ASN A 386 -33.30 24.30 2.20
C ASN A 386 -31.86 24.64 2.58
N SER A 387 -30.97 24.73 1.60
CA SER A 387 -29.59 25.17 1.82
C SER A 387 -29.55 26.48 2.60
N GLN A 388 -28.58 26.59 3.49
CA GLN A 388 -28.41 27.77 4.34
C GLN A 388 -27.03 28.37 4.13
N LYS A 389 -26.95 29.68 4.25
CA LYS A 389 -25.67 30.35 4.15
C LYS A 389 -24.81 29.86 5.31
N VAL A 390 -23.58 29.46 5.01
CA VAL A 390 -22.70 28.86 6.00
C VAL A 390 -22.11 29.99 6.81
N SER A 391 -22.34 29.98 8.13
CA SER A 391 -21.78 31.02 9.01
C SER A 391 -20.28 31.11 8.92
N GLU A 392 -19.77 32.34 8.93
CA GLU A 392 -18.34 32.61 8.93
C GLU A 392 -17.76 32.50 10.33
N ASN A 393 -18.56 32.84 11.34
CA ASN A 393 -18.13 32.80 12.73
C ASN A 393 -18.11 31.34 13.18
N SER A 394 -17.03 30.92 13.85
CA SER A 394 -16.89 29.55 14.32
C SER A 394 -18.00 29.11 15.29
N GLU A 395 -18.37 30.01 16.21
CA GLU A 395 -19.42 29.70 17.18
C GLU A 395 -20.81 29.64 16.55
N ASP A 396 -21.09 30.55 15.59
CA ASP A 396 -22.37 30.52 14.86
C ASP A 396 -22.49 29.25 14.04
N LEU A 397 -21.38 28.79 13.46
CA LEU A 397 -21.38 27.57 12.66
C LEU A 397 -21.71 26.34 13.49
N MET A 398 -21.10 26.21 14.67
CA MET A 398 -21.42 25.09 15.56
C MET A 398 -22.92 25.11 15.93
N LYS A 399 -23.45 26.29 16.27
CA LYS A 399 -24.88 26.43 16.56
C LYS A 399 -25.74 26.11 15.36
N GLN A 400 -25.29 26.49 14.16
CA GLN A 400 -26.00 26.20 12.93
C GLN A 400 -26.09 24.68 12.69
N ILE A 401 -24.97 23.99 12.87
CA ILE A 401 -24.91 22.54 12.74
C ILE A 401 -25.88 21.87 13.72
N LEU A 402 -25.84 22.29 14.98
CA LEU A 402 -26.72 21.74 16.00
C LEU A 402 -28.19 22.02 15.68
N GLN A 403 -28.50 23.22 15.19
CA GLN A 403 -29.90 23.58 14.87
C GLN A 403 -30.41 22.68 13.75
N ILE A 404 -29.60 22.50 12.71
CA ILE A 404 -29.99 21.70 11.54
C ILE A 404 -30.12 20.23 11.91
N HIS A 405 -29.18 19.73 12.71
CA HIS A 405 -29.26 18.38 13.26
C HIS A 405 -30.59 18.15 13.96
N SER A 406 -30.95 19.06 14.86
N SER A 406 -30.97 19.06 14.86
CA SER A 406 -32.20 19.00 15.60
CA SER A 406 -32.22 18.96 15.59
C SER A 406 -33.44 19.06 14.70
C SER A 406 -33.46 19.05 14.69
N TRP A 407 -33.42 19.97 13.74
CA TRP A 407 -34.52 20.13 12.77
C TRP A 407 -34.74 18.85 11.97
N ALA A 408 -33.64 18.29 11.46
CA ALA A 408 -33.68 17.05 10.68
C ALA A 408 -34.21 15.86 11.46
N LYS A 409 -33.82 15.73 12.73
CA LYS A 409 -34.34 14.66 13.57
C LYS A 409 -35.86 14.83 13.80
N ASP A 410 -36.28 16.06 14.06
CA ASP A 410 -37.71 16.38 14.20
C ASP A 410 -38.50 16.11 12.93
N LYS A 411 -37.94 16.51 11.79
CA LYS A 411 -38.60 16.33 10.50
C LYS A 411 -38.79 14.84 10.21
N ALA A 412 -37.75 14.04 10.47
CA ALA A 412 -37.84 12.59 10.31
C ALA A 412 -38.94 11.99 11.17
N THR A 413 -38.96 12.39 12.44
CA THR A 413 -39.94 11.90 13.41
C THR A 413 -41.38 12.29 13.03
N ASP A 414 -41.56 13.50 12.51
CA ASP A 414 -42.87 13.99 12.03
C ASP A 414 -43.37 13.20 10.82
N ILE A 415 -42.46 12.85 9.91
CA ILE A 415 -42.79 11.99 8.77
C ILE A 415 -43.27 10.63 9.29
N TYR A 416 -42.55 10.04 10.23
CA TYR A 416 -42.96 8.78 10.83
C TYR A 416 -44.37 8.87 11.46
N ASN A 417 -44.62 9.96 12.20
CA ASN A 417 -45.89 10.14 12.91
C ASN A 417 -47.10 10.38 12.00
N LYS A 418 -46.92 11.06 10.87
CA LYS A 418 -47.98 11.18 9.86
C LYS A 418 -48.37 9.82 9.26
N HIS A 419 -47.36 9.03 8.92
CA HIS A 419 -47.56 7.70 8.34
C HIS A 419 -48.15 6.68 9.34
N ASN A 420 -47.73 6.78 10.60
CA ASN A 420 -48.09 5.81 11.63
C ASN A 420 -49.56 5.93 12.06
N PRO B 11 12.33 19.06 -14.73
CA PRO B 11 12.54 18.17 -15.88
C PRO B 11 13.45 16.99 -15.53
N ILE B 12 12.97 15.77 -15.71
CA ILE B 12 13.72 14.56 -15.34
C ILE B 12 14.55 14.08 -16.55
N ASN B 13 15.88 14.12 -16.40
CA ASN B 13 16.81 13.74 -17.47
C ASN B 13 17.20 12.25 -17.41
N VAL B 14 16.79 11.50 -18.43
N VAL B 14 16.80 11.48 -18.41
CA VAL B 14 16.86 10.04 -18.44
CA VAL B 14 16.90 10.03 -18.36
C VAL B 14 17.73 9.52 -19.57
C VAL B 14 17.62 9.43 -19.57
N ALA B 15 18.46 8.45 -19.29
CA ALA B 15 19.12 7.65 -20.33
C ALA B 15 18.48 6.28 -20.32
N ILE B 16 18.27 5.73 -21.52
CA ILE B 16 17.74 4.38 -21.66
C ILE B 16 18.82 3.47 -22.27
N PHE B 17 19.30 2.51 -21.49
CA PHE B 17 20.22 1.48 -21.99
C PHE B 17 19.44 0.23 -22.42
N GLY B 18 19.56 -0.13 -23.70
CA GLY B 18 18.77 -1.20 -24.28
C GLY B 18 17.42 -0.67 -24.69
N SER B 19 17.41 0.42 -25.45
CA SER B 19 16.17 1.12 -25.75
C SER B 19 15.23 0.38 -26.69
N THR B 20 15.73 -0.62 -27.43
CA THR B 20 14.89 -1.38 -28.35
C THR B 20 14.42 -2.73 -27.76
N GLY B 21 14.88 -3.10 -26.58
CA GLY B 21 14.40 -4.29 -25.88
C GLY B 21 13.04 -4.04 -25.22
N SER B 22 12.54 -5.02 -24.48
CA SER B 22 11.21 -4.92 -23.87
C SER B 22 11.10 -3.78 -22.84
N ILE B 23 12.08 -3.69 -21.93
CA ILE B 23 12.06 -2.63 -20.90
C ILE B 23 12.20 -1.27 -21.57
N GLY B 24 13.14 -1.18 -22.51
CA GLY B 24 13.43 0.09 -23.19
C GLY B 24 12.24 0.65 -23.93
N THR B 25 11.55 -0.19 -24.68
CA THR B 25 10.40 0.25 -25.48
C THR B 25 9.22 0.63 -24.60
N ASN B 26 9.00 -0.14 -23.52
CA ASN B 26 7.99 0.24 -22.52
C ASN B 26 8.32 1.56 -21.82
N ALA B 27 9.60 1.77 -21.51
CA ALA B 27 10.06 3.03 -20.92
C ALA B 27 9.74 4.21 -21.82
N LEU B 28 10.08 4.08 -23.10
CA LEU B 28 9.84 5.16 -24.05
C LEU B 28 8.34 5.37 -24.27
N ASN B 29 7.56 4.30 -24.29
CA ASN B 29 6.09 4.42 -24.43
C ASN B 29 5.46 5.21 -23.28
N ILE B 30 5.84 4.90 -22.04
CA ILE B 30 5.25 5.59 -20.88
C ILE B 30 5.78 7.01 -20.77
N ILE B 31 7.04 7.23 -21.15
CA ILE B 31 7.61 8.57 -21.21
C ILE B 31 6.86 9.43 -22.24
N ARG B 32 6.60 8.86 -23.41
CA ARG B 32 5.87 9.55 -24.45
C ARG B 32 4.49 9.95 -23.96
N GLU B 33 3.77 9.00 -23.35
CA GLU B 33 2.40 9.25 -22.95
C GLU B 33 2.31 10.22 -21.80
N CYS B 34 3.20 10.11 -20.80
CA CYS B 34 3.26 11.09 -19.72
C CYS B 34 3.64 12.49 -20.20
N ASN B 35 4.58 12.59 -21.15
CA ASN B 35 4.98 13.90 -21.69
C ASN B 35 3.87 14.59 -22.47
N LYS B 36 2.94 13.84 -23.05
CA LYS B 36 1.73 14.42 -23.65
C LYS B 36 0.85 15.14 -22.62
N ILE B 37 0.85 14.67 -21.37
CA ILE B 37 0.03 15.26 -20.30
C ILE B 37 0.73 16.48 -19.75
N GLU B 38 2.02 16.31 -19.44
CA GLU B 38 2.86 17.37 -18.91
C GLU B 38 4.31 17.06 -19.27
N ASN B 39 5.05 18.07 -19.71
CA ASN B 39 6.44 17.86 -20.11
C ASN B 39 7.32 17.62 -18.89
N VAL B 40 7.55 16.35 -18.59
CA VAL B 40 8.26 15.92 -17.37
C VAL B 40 9.65 15.36 -17.68
N PHE B 41 9.77 14.63 -18.79
CA PHE B 41 10.99 13.88 -19.10
C PHE B 41 11.71 14.45 -20.31
N ASN B 42 13.03 14.53 -20.21
CA ASN B 42 13.90 14.73 -21.36
C ASN B 42 14.67 13.43 -21.52
N VAL B 43 14.51 12.78 -22.66
CA VAL B 43 15.29 11.59 -22.97
C VAL B 43 16.62 12.08 -23.53
N LYS B 44 17.68 11.96 -22.72
CA LYS B 44 19.01 12.52 -23.04
C LYS B 44 19.94 11.56 -23.76
N ALA B 45 19.64 10.26 -23.68
CA ALA B 45 20.53 9.25 -24.25
C ALA B 45 19.81 7.95 -24.53
N LEU B 46 20.17 7.34 -25.65
CA LEU B 46 19.69 6.03 -26.05
C LEU B 46 20.89 5.17 -26.43
N TYR B 47 20.86 3.93 -25.96
CA TYR B 47 21.93 2.94 -26.17
C TYR B 47 21.31 1.62 -26.62
N VAL B 48 21.77 1.10 -27.76
CA VAL B 48 21.34 -0.22 -28.26
C VAL B 48 22.56 -1.03 -28.67
N ASN B 49 22.37 -2.33 -28.83
CA ASN B 49 23.45 -3.19 -29.32
C ASN B 49 23.69 -2.96 -30.82
N LYS B 50 22.71 -3.33 -31.64
CA LYS B 50 22.89 -3.29 -33.10
C LYS B 50 21.68 -2.83 -33.94
N SER B 51 20.52 -2.59 -33.32
CA SER B 51 19.29 -2.28 -34.04
C SER B 51 19.28 -0.82 -34.47
N VAL B 52 20.09 -0.53 -35.48
CA VAL B 52 20.37 0.82 -35.93
C VAL B 52 19.15 1.54 -36.50
N ASN B 53 18.31 0.82 -37.25
CA ASN B 53 17.11 1.42 -37.84
C ASN B 53 16.08 1.80 -36.78
N GLU B 54 15.88 0.93 -35.80
CA GLU B 54 14.95 1.22 -34.69
C GLU B 54 15.47 2.35 -33.82
N LEU B 55 16.78 2.36 -33.56
CA LEU B 55 17.42 3.47 -32.83
C LEU B 55 17.17 4.78 -33.57
N TYR B 56 17.34 4.73 -34.90
CA TYR B 56 17.08 5.91 -35.73
C TYR B 56 15.66 6.44 -35.55
N GLU B 57 14.67 5.55 -35.58
CA GLU B 57 13.27 5.95 -35.42
C GLU B 57 13.00 6.58 -34.04
N GLN B 58 13.62 6.02 -33.01
CA GLN B 58 13.54 6.57 -31.66
C GLN B 58 14.22 7.94 -31.55
N ALA B 59 15.40 8.05 -32.13
CA ALA B 59 16.12 9.32 -32.21
C ALA B 59 15.30 10.40 -32.90
N ARG B 60 14.61 10.05 -33.99
CA ARG B 60 13.77 11.02 -34.70
C ARG B 60 12.68 11.59 -33.79
N GLU B 61 12.10 10.74 -32.93
CA GLU B 61 11.05 11.18 -32.00
C GLU B 61 11.59 11.88 -30.76
N PHE B 62 12.58 11.29 -30.11
CA PHE B 62 13.03 11.75 -28.79
C PHE B 62 14.19 12.74 -28.82
N LEU B 63 14.92 12.81 -29.94
CA LEU B 63 16.06 13.74 -30.14
C LEU B 63 17.01 13.79 -28.93
N PRO B 64 17.51 12.62 -28.52
CA PRO B 64 18.43 12.64 -27.39
C PRO B 64 19.77 13.30 -27.73
N GLU B 65 20.38 13.93 -26.74
CA GLU B 65 21.71 14.52 -26.86
C GLU B 65 22.78 13.48 -27.22
N TYR B 66 22.62 12.25 -26.70
CA TYR B 66 23.54 11.15 -26.96
C TYR B 66 22.88 9.96 -27.64
N LEU B 67 23.59 9.38 -28.60
CA LEU B 67 23.22 8.09 -29.19
C LEU B 67 24.43 7.19 -29.08
N CYS B 68 24.19 5.94 -28.69
CA CYS B 68 25.27 4.99 -28.57
C CYS B 68 24.86 3.66 -29.16
N ILE B 69 25.73 3.09 -29.98
CA ILE B 69 25.50 1.77 -30.54
C ILE B 69 26.67 0.90 -30.11
N HIS B 70 26.39 -0.32 -29.65
CA HIS B 70 27.45 -1.20 -29.18
C HIS B 70 28.25 -1.75 -30.35
N ASP B 71 27.53 -2.20 -31.38
CA ASP B 71 28.12 -2.83 -32.55
C ASP B 71 28.74 -1.75 -33.47
N LYS B 72 30.06 -1.67 -33.41
CA LYS B 72 30.88 -0.76 -34.23
C LYS B 72 30.59 -0.86 -35.73
N SER B 73 30.22 -2.04 -36.23
CA SER B 73 29.94 -2.24 -37.66
C SER B 73 28.73 -1.46 -38.20
N VAL B 74 27.84 -0.99 -37.34
CA VAL B 74 26.70 -0.17 -37.78
C VAL B 74 26.82 1.30 -37.36
N TYR B 75 27.99 1.68 -36.83
CA TYR B 75 28.22 3.05 -36.37
C TYR B 75 28.12 4.05 -37.52
N GLU B 76 28.70 3.71 -38.68
CA GLU B 76 28.67 4.60 -39.83
C GLU B 76 27.27 4.73 -40.41
N GLU B 77 26.56 3.61 -40.50
CA GLU B 77 25.16 3.59 -40.93
C GLU B 77 24.29 4.53 -40.06
N LEU B 78 24.50 4.50 -38.74
CA LEU B 78 23.77 5.37 -37.80
C LEU B 78 24.06 6.85 -38.01
N LYS B 79 25.33 7.21 -38.18
CA LYS B 79 25.70 8.60 -38.44
C LYS B 79 25.04 9.14 -39.71
N GLU B 80 24.96 8.31 -40.76
CA GLU B 80 24.31 8.72 -42.02
C GLU B 80 22.80 8.84 -41.88
N LEU B 81 22.19 7.89 -41.19
CA LEU B 81 20.74 7.93 -40.95
C LEU B 81 20.33 9.19 -40.22
N VAL B 82 21.11 9.55 -39.21
CA VAL B 82 20.80 10.69 -38.33
C VAL B 82 20.86 12.04 -39.04
N LYS B 83 21.61 12.13 -40.14
CA LYS B 83 21.61 13.35 -40.97
C LYS B 83 20.26 13.70 -41.58
N ASN B 84 19.39 12.70 -41.76
CA ASN B 84 17.98 12.91 -42.17
C ASN B 84 17.18 13.79 -41.22
N ILE B 85 17.50 13.74 -39.93
CA ILE B 85 16.69 14.38 -38.91
C ILE B 85 17.02 15.86 -38.90
N LYS B 86 15.97 16.68 -38.91
CA LYS B 86 16.08 18.12 -39.05
C LYS B 86 16.52 18.73 -37.72
N ASP B 87 17.44 19.71 -37.76
CA ASP B 87 17.82 20.52 -36.58
C ASP B 87 18.37 19.69 -35.41
N TYR B 88 19.26 18.75 -35.71
CA TYR B 88 19.67 17.72 -34.74
C TYR B 88 21.14 17.35 -34.87
N LYS B 89 21.93 17.66 -33.84
CA LYS B 89 23.37 17.36 -33.80
C LYS B 89 23.72 16.57 -32.52
N PRO B 90 23.38 15.27 -32.49
CA PRO B 90 23.69 14.47 -31.32
C PRO B 90 25.14 14.05 -31.26
N ILE B 91 25.61 13.77 -30.05
CA ILE B 91 26.88 13.09 -29.84
C ILE B 91 26.64 11.60 -30.12
N ILE B 92 27.32 11.07 -31.14
CA ILE B 92 27.13 9.69 -31.55
C ILE B 92 28.35 8.88 -31.11
N LEU B 93 28.11 7.89 -30.26
CA LEU B 93 29.15 7.13 -29.59
C LEU B 93 29.01 5.64 -29.90
N CYS B 94 30.00 4.87 -29.47
CA CYS B 94 30.13 3.46 -29.79
C CYS B 94 30.67 2.63 -28.60
N GLY B 95 30.09 1.45 -28.38
CA GLY B 95 30.62 0.45 -27.45
C GLY B 95 30.60 0.82 -25.98
N ASP B 96 31.37 0.04 -25.21
CA ASP B 96 31.57 0.27 -23.76
C ASP B 96 32.02 1.69 -23.45
N GLU B 97 32.88 2.24 -24.32
CA GLU B 97 33.43 3.58 -24.11
C GLU B 97 32.33 4.66 -24.20
N GLY B 98 31.42 4.51 -25.14
CA GLY B 98 30.27 5.41 -25.27
C GLY B 98 29.30 5.30 -24.10
N MET B 99 29.09 4.08 -23.63
CA MET B 99 28.28 3.84 -22.45
C MET B 99 28.86 4.59 -21.24
N LYS B 100 30.17 4.49 -21.04
CA LYS B 100 30.86 5.17 -19.94
C LYS B 100 30.76 6.69 -20.00
N GLU B 101 30.80 7.24 -21.22
CA GLU B 101 30.68 8.67 -21.40
C GLU B 101 29.28 9.15 -21.04
N ILE B 102 28.27 8.41 -21.47
CA ILE B 102 26.89 8.73 -21.10
C ILE B 102 26.73 8.71 -19.56
N CYS B 103 27.22 7.67 -18.91
CA CYS B 103 27.14 7.55 -17.44
C CYS B 103 27.77 8.72 -16.70
N SER B 104 28.86 9.26 -17.24
CA SER B 104 29.57 10.39 -16.62
C SER B 104 29.01 11.78 -16.95
N SER B 105 28.04 11.87 -17.85
CA SER B 105 27.42 13.17 -18.17
C SER B 105 26.65 13.79 -17.00
N ASN B 106 26.91 15.06 -16.73
CA ASN B 106 26.16 15.83 -15.73
C ASN B 106 24.73 16.18 -16.17
N SER B 107 24.39 16.01 -17.43
CA SER B 107 23.03 16.28 -17.90
C SER B 107 22.11 15.04 -17.83
N ILE B 108 22.56 13.96 -17.16
CA ILE B 108 21.75 12.74 -16.98
C ILE B 108 21.63 12.44 -15.50
N ASP B 109 20.40 12.33 -15.01
CA ASP B 109 20.11 12.05 -13.60
C ASP B 109 19.84 10.56 -13.35
N LYS B 110 19.08 9.94 -14.26
CA LYS B 110 18.55 8.62 -14.07
C LYS B 110 18.84 7.76 -15.28
N ILE B 111 19.19 6.52 -15.03
CA ILE B 111 19.54 5.59 -16.09
C ILE B 111 18.69 4.32 -15.96
N VAL B 112 17.95 3.99 -17.02
CA VAL B 112 17.20 2.74 -17.09
C VAL B 112 18.09 1.67 -17.68
N ILE B 113 18.34 0.61 -16.90
CA ILE B 113 19.13 -0.51 -17.37
C ILE B 113 18.17 -1.57 -17.90
N GLY B 114 18.06 -1.62 -19.23
CA GLY B 114 17.25 -2.63 -19.92
C GLY B 114 18.09 -3.63 -20.68
N ILE B 115 19.30 -3.90 -20.23
CA ILE B 115 20.17 -4.90 -20.85
C ILE B 115 20.25 -6.16 -19.96
N ASP B 116 20.33 -7.34 -20.58
CA ASP B 116 20.60 -8.63 -19.89
C ASP B 116 22.06 -8.81 -19.37
N SER B 117 22.22 -9.81 -18.48
CA SER B 117 23.41 -10.03 -17.59
C SER B 117 24.83 -9.49 -17.93
N PHE B 118 25.25 -9.53 -19.20
CA PHE B 118 26.62 -9.14 -19.58
C PHE B 118 26.82 -7.63 -19.57
N GLN B 119 26.40 -6.94 -20.64
CA GLN B 119 26.48 -5.46 -20.68
C GLN B 119 25.67 -4.82 -19.53
N GLY B 120 24.71 -5.59 -18.99
CA GLY B 120 23.84 -5.18 -17.88
C GLY B 120 24.54 -4.85 -16.57
N LEU B 121 25.24 -5.83 -15.98
CA LEU B 121 26.00 -5.55 -14.76
C LEU B 121 27.07 -4.51 -15.04
N TYR B 122 27.68 -4.60 -16.21
CA TYR B 122 28.72 -3.67 -16.60
C TYR B 122 28.24 -2.22 -16.60
N SER B 123 27.14 -1.94 -17.31
CA SER B 123 26.60 -0.56 -17.34
C SER B 123 26.03 -0.13 -15.98
N THR B 124 25.45 -1.08 -15.25
CA THR B 124 24.99 -0.81 -13.88
C THR B 124 26.15 -0.30 -13.00
N MET B 125 27.29 -0.97 -13.07
CA MET B 125 28.49 -0.57 -12.30
C MET B 125 28.94 0.85 -12.64
N TYR B 126 29.00 1.18 -13.94
CA TYR B 126 29.38 2.54 -14.32
C TYR B 126 28.36 3.61 -13.93
N ALA B 127 27.07 3.26 -13.96
CA ALA B 127 26.04 4.17 -13.50
C ALA B 127 26.20 4.50 -12.02
N ILE B 128 26.48 3.47 -11.23
CA ILE B 128 26.66 3.63 -9.78
C ILE B 128 27.92 4.46 -9.50
N MET B 129 29.02 4.12 -10.18
CA MET B 129 30.28 4.86 -10.01
C MET B 129 30.14 6.36 -10.29
N ASN B 130 29.17 6.71 -11.15
CA ASN B 130 28.86 8.13 -11.43
C ASN B 130 27.71 8.72 -10.61
N ASN B 131 27.37 8.06 -9.49
CA ASN B 131 26.36 8.54 -8.56
C ASN B 131 25.00 8.82 -9.17
N LYS B 132 24.59 7.99 -10.12
CA LYS B 132 23.29 8.15 -10.76
C LYS B 132 22.22 7.36 -10.01
N ILE B 133 20.97 7.68 -10.31
CA ILE B 133 19.84 6.86 -9.90
C ILE B 133 19.70 5.84 -11.02
N VAL B 134 19.70 4.55 -10.66
CA VAL B 134 19.74 3.46 -11.63
C VAL B 134 18.47 2.64 -11.48
N ALA B 135 17.64 2.69 -12.51
CA ALA B 135 16.39 1.90 -12.60
C ALA B 135 16.74 0.54 -13.17
N LEU B 136 16.82 -0.44 -12.30
CA LEU B 136 17.40 -1.73 -12.64
C LEU B 136 16.34 -2.81 -12.79
N ALA B 137 16.18 -3.29 -14.03
CA ALA B 137 15.25 -4.39 -14.34
C ALA B 137 15.94 -5.77 -14.27
N ASN B 138 17.27 -5.77 -14.44
CA ASN B 138 18.04 -7.01 -14.57
C ASN B 138 18.26 -7.72 -13.25
N LYS B 139 17.43 -8.72 -12.96
CA LYS B 139 17.51 -9.46 -11.69
C LYS B 139 18.75 -10.34 -11.61
N GLU B 140 19.18 -10.87 -12.75
CA GLU B 140 20.36 -11.73 -12.80
C GLU B 140 21.61 -11.03 -12.23
N SER B 141 21.72 -9.73 -12.46
CA SER B 141 22.82 -8.91 -11.94
C SER B 141 22.83 -8.76 -10.43
N ILE B 142 21.66 -8.59 -9.84
CA ILE B 142 21.53 -8.47 -8.39
C ILE B 142 21.82 -9.83 -7.74
N VAL B 143 21.27 -10.90 -8.32
CA VAL B 143 21.48 -12.25 -7.78
C VAL B 143 22.93 -12.65 -7.86
N SER B 144 23.54 -12.41 -9.01
CA SER B 144 24.92 -12.82 -9.21
C SER B 144 25.96 -11.92 -8.54
N ALA B 145 25.66 -10.63 -8.43
CA ALA B 145 26.67 -9.67 -7.97
C ALA B 145 26.15 -8.78 -6.86
N GLY B 146 25.18 -9.28 -6.09
CA GLY B 146 24.60 -8.59 -4.94
C GLY B 146 25.61 -7.97 -3.97
N PHE B 147 26.57 -8.79 -3.50
CA PHE B 147 27.67 -8.34 -2.61
C PHE B 147 28.43 -7.17 -3.19
N PHE B 148 28.78 -7.32 -4.45
CA PHE B 148 29.54 -6.33 -5.18
C PHE B 148 28.77 -5.02 -5.34
N LEU B 149 27.49 -5.11 -5.70
CA LEU B 149 26.66 -3.90 -5.78
C LEU B 149 26.55 -3.20 -4.42
N LYS B 150 26.37 -3.96 -3.34
CA LYS B 150 26.32 -3.40 -1.99
C LYS B 150 27.60 -2.62 -1.67
N LYS B 151 28.73 -3.26 -1.93
CA LYS B 151 30.04 -2.63 -1.76
C LYS B 151 30.16 -1.34 -2.55
N LEU B 152 29.79 -1.38 -3.82
CA LEU B 152 29.87 -0.21 -4.69
C LEU B 152 28.98 0.95 -4.22
N LEU B 153 27.76 0.62 -3.79
CA LEU B 153 26.84 1.61 -3.26
C LEU B 153 27.28 2.21 -1.94
N ASN B 154 28.07 1.45 -1.18
CA ASN B 154 28.66 1.99 0.02
C ASN B 154 29.81 2.97 -0.28
N ILE B 155 30.50 2.79 -1.40
CA ILE B 155 31.50 3.76 -1.85
C ILE B 155 30.86 4.98 -2.47
N HIS B 156 29.93 4.76 -3.38
CA HIS B 156 29.29 5.83 -4.13
C HIS B 156 27.97 6.16 -3.48
N LYS B 157 28.05 6.99 -2.44
CA LYS B 157 26.96 7.14 -1.49
C LYS B 157 25.70 7.81 -2.05
N ASN B 158 25.86 8.60 -3.10
CA ASN B 158 24.73 9.24 -3.77
C ASN B 158 24.06 8.43 -4.88
N ALA B 159 24.64 7.30 -5.26
CA ALA B 159 24.03 6.41 -6.25
C ALA B 159 22.89 5.67 -5.55
N LYS B 160 21.85 5.33 -6.30
CA LYS B 160 20.74 4.57 -5.76
C LYS B 160 20.26 3.61 -6.82
N ILE B 161 19.99 2.38 -6.42
CA ILE B 161 19.29 1.42 -7.29
C ILE B 161 17.83 1.49 -6.95
N ILE B 162 16.99 1.68 -7.97
CA ILE B 162 15.56 1.62 -7.79
C ILE B 162 15.08 0.41 -8.60
N PRO B 163 14.33 -0.50 -7.95
CA PRO B 163 13.89 -1.72 -8.63
C PRO B 163 12.79 -1.48 -9.67
N VAL B 164 12.94 -2.14 -10.81
CA VAL B 164 12.00 -2.12 -11.90
C VAL B 164 11.25 -3.45 -12.04
N ASP B 165 11.87 -4.57 -11.63
CA ASP B 165 11.18 -5.90 -11.63
C ASP B 165 9.80 -5.71 -10.96
N SER B 166 8.71 -6.17 -11.58
CA SER B 166 7.36 -5.80 -11.13
C SER B 166 7.09 -6.05 -9.65
N GLU B 167 7.57 -7.18 -9.15
CA GLU B 167 7.34 -7.57 -7.74
C GLU B 167 8.12 -6.67 -6.80
N HIS B 168 9.33 -6.32 -7.21
CA HIS B 168 10.23 -5.52 -6.38
C HIS B 168 9.85 -4.07 -6.41
N SER B 169 9.36 -3.61 -7.55
CA SER B 169 8.73 -2.30 -7.62
C SER B 169 7.50 -2.25 -6.71
N ALA B 170 6.69 -3.32 -6.74
CA ALA B 170 5.50 -3.38 -5.88
C ALA B 170 5.88 -3.22 -4.43
N ILE B 171 6.89 -3.98 -4.00
CA ILE B 171 7.36 -3.91 -2.62
C ILE B 171 7.79 -2.49 -2.31
N PHE B 172 8.65 -1.94 -3.17
CA PHE B 172 9.15 -0.59 -3.04
C PHE B 172 8.02 0.47 -2.94
N GLN B 173 6.99 0.31 -3.77
CA GLN B 173 5.80 1.19 -3.72
C GLN B 173 4.96 1.08 -2.45
N CYS B 174 5.02 -0.07 -1.77
CA CYS B 174 4.33 -0.28 -0.49
C CYS B 174 5.02 0.35 0.71
N LEU B 175 6.24 0.87 0.51
CA LEU B 175 7.01 1.42 1.60
C LEU B 175 6.76 2.89 1.78
N ASP B 176 6.96 3.36 3.00
CA ASP B 176 6.79 4.77 3.34
C ASP B 176 8.05 5.52 2.92
N ASN B 177 7.92 6.44 1.95
CA ASN B 177 9.11 7.19 1.49
C ASN B 177 9.77 8.04 2.55
N ASN B 178 9.01 8.42 3.59
CA ASN B 178 9.61 9.11 4.73
C ASN B 178 10.70 8.26 5.40
N LYS B 179 10.57 6.94 5.30
CA LYS B 179 11.58 6.01 5.80
C LYS B 179 12.52 5.61 4.68
N VAL B 180 12.00 5.35 3.48
CA VAL B 180 12.90 4.94 2.38
C VAL B 180 13.99 6.00 2.17
N LEU B 181 13.64 7.29 2.30
CA LEU B 181 14.60 8.39 2.05
C LEU B 181 15.75 8.46 3.06
N LYS B 182 15.63 7.72 4.17
CA LYS B 182 16.69 7.61 5.19
C LYS B 182 17.61 6.41 5.00
N THR B 183 17.42 5.67 3.90
CA THR B 183 18.25 4.52 3.60
C THR B 183 18.24 4.41 2.07
N LYS B 184 18.53 3.23 1.55
CA LYS B 184 18.42 2.97 0.12
C LYS B 184 18.48 1.48 -0.12
N CYS B 185 18.01 1.05 -1.29
CA CYS B 185 18.11 -0.35 -1.66
C CYS B 185 19.55 -0.88 -1.60
N LEU B 186 19.68 -2.13 -1.19
CA LEU B 186 20.98 -2.79 -1.03
C LEU B 186 21.82 -2.21 0.10
N GLN B 187 21.21 -1.51 1.03
CA GLN B 187 21.92 -0.97 2.18
C GLN B 187 21.54 -1.81 3.39
N ASP B 188 22.55 -2.17 4.19
CA ASP B 188 22.32 -2.88 5.44
C ASP B 188 21.31 -2.11 6.28
N ASN B 189 20.40 -2.85 6.90
CA ASN B 189 19.35 -2.31 7.78
C ASN B 189 18.17 -1.68 7.09
N PHE B 190 18.06 -1.85 5.79
CA PHE B 190 16.95 -1.31 5.03
C PHE B 190 15.61 -1.76 5.61
N SER B 191 15.50 -3.06 5.92
N SER B 191 15.50 -3.05 5.92
CA SER B 191 14.25 -3.63 6.43
CA SER B 191 14.23 -3.58 6.43
C SER B 191 13.90 -3.07 7.80
C SER B 191 13.89 -3.06 7.81
N LYS B 192 14.90 -2.95 8.68
CA LYS B 192 14.72 -2.35 10.02
C LYS B 192 14.22 -0.92 9.93
N ILE B 193 14.88 -0.11 9.10
CA ILE B 193 14.50 1.29 8.96
C ILE B 193 13.08 1.43 8.40
N ASN B 194 12.68 0.54 7.51
CA ASN B 194 11.36 0.57 6.90
C ASN B 194 10.30 -0.23 7.65
N ASN B 195 10.67 -0.82 8.77
CA ASN B 195 9.75 -1.58 9.62
C ASN B 195 9.16 -2.81 8.92
N ILE B 196 9.96 -3.40 8.02
CA ILE B 196 9.53 -4.57 7.26
C ILE B 196 9.68 -5.83 8.12
N ASN B 197 8.61 -6.61 8.18
CA ASN B 197 8.64 -7.90 8.89
C ASN B 197 8.76 -9.08 7.94
N LYS B 198 8.02 -9.04 6.84
CA LYS B 198 7.89 -10.17 5.94
C LYS B 198 7.43 -9.73 4.55
N ILE B 199 7.78 -10.49 3.53
CA ILE B 199 7.42 -10.18 2.15
C ILE B 199 6.65 -11.35 1.54
N PHE B 200 5.50 -11.04 0.94
CA PHE B 200 4.77 -11.95 0.04
C PHE B 200 5.17 -11.63 -1.38
N LEU B 201 5.89 -12.56 -2.01
CA LEU B 201 6.37 -12.40 -3.37
C LEU B 201 5.44 -13.17 -4.32
N CYS B 202 4.63 -12.44 -5.08
CA CYS B 202 3.58 -13.06 -5.88
C CYS B 202 4.15 -13.57 -7.19
N SER B 203 3.64 -14.72 -7.61
CA SER B 203 4.05 -15.39 -8.83
C SER B 203 2.81 -15.70 -9.66
N SER B 204 2.91 -15.59 -10.98
CA SER B 204 1.84 -16.06 -11.86
C SER B 204 1.61 -17.57 -11.75
N GLY B 205 2.67 -18.31 -11.37
CA GLY B 205 2.66 -19.76 -11.35
C GLY B 205 3.21 -20.38 -12.62
N GLY B 206 3.21 -19.62 -13.71
CA GLY B 206 3.71 -20.09 -15.00
C GLY B 206 2.77 -21.06 -15.70
N PRO B 207 3.12 -21.46 -16.93
CA PRO B 207 2.27 -22.33 -17.74
C PRO B 207 2.10 -23.78 -17.23
N PHE B 208 2.99 -24.24 -16.36
CA PHE B 208 2.94 -25.62 -15.84
C PHE B 208 2.34 -25.76 -14.44
N GLN B 209 1.71 -24.70 -13.92
CA GLN B 209 1.27 -24.67 -12.52
C GLN B 209 0.29 -25.80 -12.14
N ASN B 210 -0.57 -26.19 -13.09
CA ASN B 210 -1.61 -27.19 -12.83
C ASN B 210 -1.28 -28.58 -13.38
N LEU B 211 -0.06 -28.80 -13.87
CA LEU B 211 0.31 -30.13 -14.38
C LEU B 211 0.58 -31.11 -13.26
N THR B 212 0.29 -32.38 -13.51
CA THR B 212 0.69 -33.47 -12.62
C THR B 212 2.17 -33.76 -12.78
N MET B 213 2.75 -34.53 -11.85
CA MET B 213 4.15 -34.93 -11.94
C MET B 213 4.45 -35.70 -13.22
N ASP B 214 3.54 -36.61 -13.58
CA ASP B 214 3.67 -37.38 -14.81
C ASP B 214 3.64 -36.49 -16.06
N GLU B 215 2.74 -35.51 -16.09
CA GLU B 215 2.71 -34.54 -17.21
C GLU B 215 3.99 -33.70 -17.25
N LEU B 216 4.46 -33.27 -16.07
CA LEU B 216 5.70 -32.47 -15.99
C LEU B 216 6.96 -33.15 -16.54
N LYS B 217 7.06 -34.48 -16.36
CA LYS B 217 8.20 -35.22 -16.88
C LYS B 217 8.42 -35.07 -18.39
N ASN B 218 7.31 -34.88 -19.12
CA ASN B 218 7.31 -34.83 -20.58
C ASN B 218 7.15 -33.43 -21.20
N VAL B 219 6.92 -32.38 -20.40
CA VAL B 219 6.77 -31.04 -20.97
C VAL B 219 8.01 -30.62 -21.75
N THR B 220 7.79 -29.87 -22.82
CA THR B 220 8.86 -29.33 -23.63
C THR B 220 8.77 -27.83 -23.62
N SER B 221 9.81 -27.19 -24.13
CA SER B 221 9.83 -25.74 -24.23
C SER B 221 8.73 -25.19 -25.14
N GLU B 222 8.34 -25.93 -26.17
CA GLU B 222 7.19 -25.55 -27.00
C GLU B 222 5.92 -25.34 -26.16
N ASN B 223 5.68 -26.24 -25.21
CA ASN B 223 4.54 -26.14 -24.29
C ASN B 223 4.61 -24.89 -23.40
N ALA B 224 5.80 -24.54 -22.94
CA ALA B 224 6.02 -23.33 -22.13
C ALA B 224 5.78 -22.07 -22.96
N LEU B 225 6.34 -22.05 -24.17
CA LEU B 225 6.26 -20.89 -25.07
C LEU B 225 4.94 -20.76 -25.84
N LYS B 226 4.16 -21.84 -25.90
CA LYS B 226 2.86 -21.88 -26.60
C LYS B 226 1.84 -20.96 -25.93
N HIS B 227 0.98 -20.35 -26.75
CA HIS B 227 -0.07 -19.39 -26.32
C HIS B 227 0.27 -18.69 -24.98
N PRO B 228 1.32 -17.84 -25.00
CA PRO B 228 1.77 -17.17 -23.79
C PRO B 228 0.80 -16.05 -23.40
N LYS B 229 0.22 -16.16 -22.21
CA LYS B 229 -0.77 -15.16 -21.75
C LYS B 229 -0.19 -13.75 -21.56
N TRP B 230 1.13 -13.63 -21.42
CA TRP B 230 1.83 -12.33 -21.53
C TRP B 230 3.06 -12.40 -22.41
N LYS B 231 3.35 -11.27 -23.07
CA LYS B 231 4.45 -11.17 -24.03
C LYS B 231 5.76 -10.98 -23.28
N MET B 232 6.61 -11.99 -23.30
CA MET B 232 7.96 -11.89 -22.74
C MET B 232 8.97 -12.80 -23.44
N GLY B 233 10.25 -12.52 -23.23
CA GLY B 233 11.35 -13.27 -23.83
C GLY B 233 11.36 -14.76 -23.50
N LYS B 234 12.11 -15.53 -24.28
CA LYS B 234 12.10 -16.98 -24.13
C LYS B 234 12.73 -17.43 -22.82
N LYS B 235 13.87 -16.83 -22.46
CA LYS B 235 14.57 -17.17 -21.22
C LYS B 235 13.68 -16.98 -19.99
N ILE B 236 13.11 -15.78 -19.81
CA ILE B 236 12.24 -15.55 -18.66
C ILE B 236 10.97 -16.43 -18.71
N THR B 237 10.49 -16.75 -19.92
CA THR B 237 9.32 -17.63 -20.02
C THR B 237 9.66 -19.01 -19.48
N ILE B 238 10.83 -19.53 -19.85
CA ILE B 238 11.27 -20.82 -19.33
C ILE B 238 11.44 -20.76 -17.82
N ASP B 239 12.02 -19.66 -17.31
CA ASP B 239 12.16 -19.46 -15.87
C ASP B 239 10.82 -19.37 -15.17
N SER B 240 9.83 -18.77 -15.80
CA SER B 240 8.47 -18.74 -15.26
C SER B 240 7.91 -20.16 -15.20
N ALA B 241 8.21 -20.97 -16.22
CA ALA B 241 7.73 -22.35 -16.28
C ALA B 241 8.28 -23.24 -15.16
N THR B 242 9.56 -23.06 -14.85
CA THR B 242 10.22 -23.82 -13.78
C THR B 242 10.04 -23.18 -12.41
N MET B 243 9.50 -21.96 -12.36
CA MET B 243 9.50 -21.08 -11.17
C MET B 243 10.89 -20.67 -10.68
N MET B 244 11.94 -20.88 -11.48
CA MET B 244 13.25 -20.34 -11.15
C MET B 244 13.21 -18.82 -11.21
N ASN B 245 12.30 -18.26 -12.00
CA ASN B 245 12.15 -16.80 -12.03
C ASN B 245 11.89 -16.33 -10.61
N LYS B 246 10.94 -16.96 -9.94
CA LYS B 246 10.59 -16.55 -8.59
C LYS B 246 11.72 -16.89 -7.61
N GLY B 247 12.41 -18.01 -7.84
CA GLY B 247 13.61 -18.33 -7.08
C GLY B 247 14.67 -17.24 -7.12
N LEU B 248 14.99 -16.77 -8.31
CA LEU B 248 15.92 -15.64 -8.48
C LEU B 248 15.39 -14.38 -7.82
N GLU B 249 14.08 -14.19 -7.89
CA GLU B 249 13.43 -13.03 -7.29
C GLU B 249 13.45 -13.05 -5.76
N VAL B 250 13.53 -14.24 -5.17
CA VAL B 250 13.66 -14.36 -3.71
C VAL B 250 15.02 -13.79 -3.30
N ILE B 251 16.05 -14.20 -4.02
CA ILE B 251 17.41 -13.72 -3.76
C ILE B 251 17.48 -12.22 -4.01
N GLU B 252 16.86 -11.78 -5.09
CA GLU B 252 16.79 -10.36 -5.39
C GLU B 252 16.16 -9.56 -4.26
N THR B 253 15.07 -10.08 -3.70
CA THR B 253 14.37 -9.47 -2.59
C THR B 253 15.28 -9.37 -1.36
N HIS B 254 15.96 -10.47 -1.05
CA HIS B 254 16.87 -10.47 0.07
C HIS B 254 17.95 -9.39 -0.07
N PHE B 255 18.56 -9.26 -1.26
CA PHE B 255 19.62 -8.28 -1.45
C PHE B 255 19.09 -6.85 -1.50
N LEU B 256 18.00 -6.63 -2.21
CA LEU B 256 17.46 -5.29 -2.35
C LEU B 256 16.98 -4.71 -1.03
N PHE B 257 16.29 -5.52 -0.24
CA PHE B 257 15.55 -5.02 0.90
C PHE B 257 16.10 -5.51 2.23
N ASP B 258 17.18 -6.29 2.22
CA ASP B 258 17.78 -6.84 3.44
C ASP B 258 16.74 -7.57 4.29
N VAL B 259 15.97 -8.43 3.63
CA VAL B 259 14.95 -9.25 4.28
C VAL B 259 15.49 -10.67 4.36
N ASP B 260 15.38 -11.27 5.55
CA ASP B 260 15.84 -12.65 5.77
C ASP B 260 15.07 -13.64 4.91
N TYR B 261 15.72 -14.69 4.44
CA TYR B 261 15.05 -15.70 3.62
C TYR B 261 13.84 -16.35 4.30
N ASN B 262 13.89 -16.57 5.61
CA ASN B 262 12.72 -17.08 6.36
C ASN B 262 11.50 -16.13 6.35
N ASP B 263 11.71 -14.88 5.95
CA ASP B 263 10.68 -13.85 5.92
C ASP B 263 10.25 -13.47 4.49
N ILE B 264 10.56 -14.33 3.52
CA ILE B 264 10.13 -14.14 2.13
C ILE B 264 9.31 -15.37 1.77
N GLU B 265 8.06 -15.15 1.39
CA GLU B 265 7.12 -16.24 1.08
C GLU B 265 6.72 -16.10 -0.36
N VAL B 266 6.92 -17.15 -1.17
CA VAL B 266 6.43 -17.15 -2.53
C VAL B 266 4.98 -17.61 -2.50
N ILE B 267 4.13 -16.87 -3.20
CA ILE B 267 2.71 -17.18 -3.25
C ILE B 267 2.27 -17.14 -4.71
N VAL B 268 1.53 -18.14 -5.17
CA VAL B 268 1.01 -18.15 -6.54
C VAL B 268 -0.31 -17.38 -6.60
N HIS B 269 -0.31 -16.34 -7.43
CA HIS B 269 -1.44 -15.44 -7.63
C HIS B 269 -1.67 -15.35 -9.14
N LYS B 270 -2.52 -16.23 -9.64
CA LYS B 270 -2.59 -16.46 -11.08
C LYS B 270 -3.16 -15.31 -11.88
N GLU B 271 -3.96 -14.46 -11.24
CA GLU B 271 -4.55 -13.29 -11.88
C GLU B 271 -3.57 -12.15 -12.16
N CYS B 272 -2.43 -12.13 -11.47
CA CYS B 272 -1.36 -11.14 -11.70
C CYS B 272 -1.82 -9.70 -11.56
N ILE B 273 -2.73 -9.48 -10.62
CA ILE B 273 -3.20 -8.14 -10.24
C ILE B 273 -2.44 -7.58 -9.02
N ILE B 274 -2.42 -8.31 -7.91
CA ILE B 274 -1.52 -8.00 -6.80
C ILE B 274 -0.09 -8.37 -7.21
N HIS B 275 0.83 -7.42 -7.16
CA HIS B 275 2.19 -7.67 -7.67
C HIS B 275 3.18 -8.09 -6.61
N SER B 276 2.86 -7.81 -5.35
CA SER B 276 3.53 -8.36 -4.15
C SER B 276 3.01 -7.58 -2.94
N CYS B 277 3.28 -8.06 -1.72
CA CYS B 277 2.79 -7.42 -0.51
C CYS B 277 3.88 -7.37 0.54
N VAL B 278 3.79 -6.38 1.41
CA VAL B 278 4.75 -6.22 2.49
C VAL B 278 3.98 -6.25 3.80
N GLU B 279 4.42 -7.07 4.73
CA GLU B 279 3.93 -7.09 6.09
C GLU B 279 4.89 -6.31 6.96
N PHE B 280 4.38 -5.31 7.65
CA PHE B 280 5.18 -4.51 8.56
C PHE B 280 5.16 -5.12 9.94
N ILE B 281 5.98 -4.58 10.82
CA ILE B 281 6.18 -5.16 12.16
C ILE B 281 4.92 -5.13 13.06
N ASP B 282 3.95 -4.29 12.73
CA ASP B 282 2.65 -4.31 13.43
C ASP B 282 1.67 -5.37 12.89
N LYS B 283 2.08 -6.06 11.81
CA LYS B 283 1.32 -7.06 11.06
C LYS B 283 0.34 -6.51 10.03
N SER B 284 0.27 -5.18 9.90
CA SER B 284 -0.47 -4.58 8.79
C SER B 284 0.24 -4.95 7.49
N VAL B 285 -0.55 -5.29 6.47
CA VAL B 285 -0.02 -5.66 5.16
C VAL B 285 -0.44 -4.61 4.15
N ILE B 286 0.52 -4.17 3.32
CA ILE B 286 0.27 -3.22 2.24
C ILE B 286 0.65 -3.95 0.95
N SER B 287 -0.17 -3.77 -0.09
CA SER B 287 0.08 -4.37 -1.38
C SER B 287 -0.11 -3.36 -2.48
N GLN B 288 0.53 -3.62 -3.61
CA GLN B 288 0.36 -2.81 -4.80
C GLN B 288 -0.30 -3.67 -5.87
N MET B 289 -1.22 -3.04 -6.61
CA MET B 289 -2.09 -3.71 -7.57
C MET B 289 -2.17 -2.94 -8.85
N TYR B 290 -2.12 -3.65 -9.97
CA TYR B 290 -2.50 -3.06 -11.23
C TYR B 290 -2.64 -4.20 -12.23
N TYR B 291 -3.18 -3.93 -13.42
CA TYR B 291 -3.05 -4.91 -14.50
C TYR B 291 -1.58 -5.29 -14.74
N PRO B 292 -1.32 -6.50 -15.28
CA PRO B 292 0.05 -6.86 -15.61
C PRO B 292 0.58 -5.99 -16.75
N ASP B 293 1.41 -5.00 -16.41
CA ASP B 293 1.86 -3.97 -17.34
C ASP B 293 3.13 -3.36 -16.79
N MET B 294 4.23 -3.50 -17.50
CA MET B 294 5.52 -3.01 -17.02
C MET B 294 5.67 -1.50 -17.00
N GLN B 295 4.73 -0.77 -17.59
CA GLN B 295 4.84 0.69 -17.59
C GLN B 295 4.80 1.32 -16.20
N ILE B 296 4.00 0.77 -15.29
CA ILE B 296 3.91 1.30 -13.92
C ILE B 296 5.24 1.17 -13.15
N PRO B 297 5.82 -0.04 -13.08
CA PRO B 297 7.13 -0.18 -12.41
C PRO B 297 8.23 0.68 -13.00
N ILE B 298 8.27 0.78 -14.32
CA ILE B 298 9.27 1.62 -14.98
C ILE B 298 9.06 3.09 -14.61
N LEU B 299 7.82 3.55 -14.76
CA LEU B 299 7.50 4.94 -14.48
C LEU B 299 7.84 5.31 -13.06
N TYR B 300 7.44 4.46 -12.11
CA TYR B 300 7.72 4.74 -10.69
C TYR B 300 9.23 4.85 -10.45
N SER B 301 10.04 4.04 -11.11
CA SER B 301 11.51 4.10 -10.92
C SER B 301 12.06 5.48 -11.34
N LEU B 302 11.42 6.09 -12.34
CA LEU B 302 11.82 7.38 -12.84
C LEU B 302 11.23 8.57 -12.11
N THR B 303 10.07 8.41 -11.46
CA THR B 303 9.42 9.50 -10.76
C THR B 303 9.70 9.49 -9.27
N TRP B 304 9.97 8.32 -8.70
CA TRP B 304 10.26 8.18 -7.26
C TRP B 304 11.15 9.30 -6.76
N PRO B 305 10.83 9.91 -5.60
CA PRO B 305 9.75 9.64 -4.65
C PRO B 305 8.39 10.28 -4.95
N ASP B 306 8.21 10.82 -6.16
CA ASP B 306 6.93 11.39 -6.58
CA ASP B 306 6.92 11.39 -6.57
C ASP B 306 6.19 10.41 -7.49
N ARG B 307 4.96 10.76 -7.84
CA ARG B 307 4.16 10.11 -8.86
C ARG B 307 3.64 11.19 -9.80
N ILE B 308 3.43 10.84 -11.05
CA ILE B 308 2.88 11.77 -12.04
C ILE B 308 1.67 11.17 -12.75
N LYS B 309 0.93 12.02 -13.44
CA LYS B 309 -0.30 11.59 -14.07
C LYS B 309 -0.01 10.70 -15.30
N THR B 310 -0.78 9.63 -15.45
CA THR B 310 -0.81 8.86 -16.69
C THR B 310 -2.24 8.77 -17.22
N ASN B 311 -2.35 8.27 -18.44
CA ASN B 311 -3.61 7.97 -19.07
C ASN B 311 -3.79 6.46 -19.19
N LEU B 312 -3.15 5.69 -18.31
CA LEU B 312 -3.34 4.25 -18.29
C LEU B 312 -4.77 3.92 -17.85
N LYS B 313 -5.28 2.79 -18.34
CA LYS B 313 -6.60 2.31 -17.97
C LYS B 313 -6.68 2.07 -16.45
N PRO B 314 -7.69 2.68 -15.78
CA PRO B 314 -7.87 2.43 -14.34
C PRO B 314 -8.24 0.97 -14.04
N LEU B 315 -7.73 0.45 -12.92
CA LEU B 315 -8.04 -0.90 -12.48
C LEU B 315 -9.52 -1.01 -12.16
N ASP B 316 -10.20 -1.98 -12.76
CA ASP B 316 -11.63 -2.20 -12.50
C ASP B 316 -11.73 -3.45 -11.65
N LEU B 317 -11.69 -3.27 -10.34
CA LEU B 317 -11.69 -4.39 -9.40
C LEU B 317 -12.94 -5.25 -9.45
N ALA B 318 -14.10 -4.62 -9.61
CA ALA B 318 -15.34 -5.39 -9.77
C ALA B 318 -15.30 -6.32 -11.01
N GLN B 319 -14.74 -5.83 -12.11
CA GLN B 319 -14.58 -6.66 -13.32
C GLN B 319 -13.57 -7.79 -13.11
N VAL B 320 -12.43 -7.49 -12.51
CA VAL B 320 -11.46 -8.52 -12.12
C VAL B 320 -12.15 -9.58 -11.27
N SER B 321 -12.90 -9.12 -10.28
CA SER B 321 -13.88 -9.90 -9.54
C SER B 321 -13.29 -10.81 -8.46
N THR B 322 -12.26 -11.60 -8.78
CA THR B 322 -11.71 -12.60 -7.88
C THR B 322 -10.19 -12.58 -7.97
N LEU B 323 -9.55 -12.63 -6.80
CA LEU B 323 -8.09 -12.76 -6.67
C LEU B 323 -7.81 -13.99 -5.83
N THR B 324 -6.88 -14.85 -6.27
CA THR B 324 -6.59 -16.11 -5.59
C THR B 324 -5.12 -16.23 -5.22
N PHE B 325 -4.88 -17.00 -4.18
CA PHE B 325 -3.54 -17.21 -3.63
C PHE B 325 -3.35 -18.65 -3.16
N HIS B 326 -2.28 -19.29 -3.61
CA HIS B 326 -1.90 -20.60 -3.06
C HIS B 326 -0.40 -20.82 -2.98
N LYS B 327 -0.01 -21.79 -2.17
CA LYS B 327 1.40 -22.13 -1.96
C LYS B 327 1.85 -22.96 -3.15
N PRO B 328 3.03 -22.66 -3.74
CA PRO B 328 3.55 -23.53 -4.80
C PRO B 328 4.05 -24.88 -4.25
N SER B 329 3.98 -25.92 -5.08
CA SER B 329 4.54 -27.22 -4.72
C SER B 329 6.02 -27.26 -5.05
N LEU B 330 6.85 -27.43 -4.02
CA LEU B 330 8.29 -27.55 -4.19
C LEU B 330 8.72 -28.87 -4.86
N GLU B 331 7.87 -29.89 -4.81
CA GLU B 331 8.12 -31.13 -5.54
C GLU B 331 7.96 -30.92 -7.06
N HIS B 332 6.94 -30.15 -7.44
CA HIS B 332 6.71 -29.84 -8.85
C HIS B 332 7.67 -28.76 -9.36
N PHE B 333 8.07 -27.84 -8.47
CA PHE B 333 8.96 -26.73 -8.79
C PHE B 333 10.21 -26.70 -7.90
N PRO B 334 11.08 -27.72 -8.06
CA PRO B 334 12.29 -27.82 -7.23
C PRO B 334 13.28 -26.65 -7.39
N CYS B 335 13.22 -25.91 -8.49
CA CYS B 335 14.05 -24.71 -8.64
C CYS B 335 13.85 -23.68 -7.52
N ILE B 336 12.63 -23.59 -6.98
CA ILE B 336 12.38 -22.69 -5.84
C ILE B 336 13.19 -23.11 -4.62
N LYS B 337 13.15 -24.39 -4.31
CA LYS B 337 13.92 -24.97 -3.21
C LYS B 337 15.41 -24.67 -3.39
N LEU B 338 15.93 -24.94 -4.59
CA LEU B 338 17.33 -24.72 -4.87
C LEU B 338 17.73 -23.26 -4.69
N ALA B 339 16.84 -22.36 -5.07
CA ALA B 339 17.08 -20.92 -4.92
C ALA B 339 17.18 -20.53 -3.46
N TYR B 340 16.25 -21.00 -2.63
CA TYR B 340 16.30 -20.73 -1.17
C TYR B 340 17.57 -21.29 -0.54
N GLN B 341 17.90 -22.53 -0.91
CA GLN B 341 19.09 -23.17 -0.36
C GLN B 341 20.37 -22.41 -0.71
N ALA B 342 20.48 -21.96 -1.96
CA ALA B 342 21.63 -21.19 -2.41
C ALA B 342 21.69 -19.84 -1.71
N GLY B 343 20.55 -19.18 -1.60
CA GLY B 343 20.47 -17.90 -0.87
C GLY B 343 20.88 -18.04 0.59
N ILE B 344 20.30 -19.02 1.26
CA ILE B 344 20.57 -19.25 2.68
C ILE B 344 22.05 -19.61 2.92
N LYS B 345 22.62 -20.43 2.04
CA LYS B 345 24.04 -20.76 2.14
C LYS B 345 24.92 -19.52 1.89
N GLY B 346 24.45 -18.62 1.04
CA GLY B 346 25.12 -17.35 0.83
C GLY B 346 26.43 -17.51 0.08
N ASN B 347 27.45 -16.77 0.49
CA ASN B 347 28.73 -16.75 -0.23
C ASN B 347 28.44 -16.49 -1.73
N PHE B 348 29.04 -17.25 -2.63
CA PHE B 348 28.78 -17.09 -4.06
C PHE B 348 27.81 -18.13 -4.60
N TYR B 349 27.06 -18.81 -3.73
CA TYR B 349 26.08 -19.79 -4.20
C TYR B 349 25.02 -19.20 -5.13
N PRO B 350 24.55 -17.96 -4.84
CA PRO B 350 23.66 -17.32 -5.82
C PRO B 350 24.26 -17.10 -7.22
N THR B 351 25.54 -16.73 -7.29
CA THR B 351 26.24 -16.60 -8.58
C THR B 351 26.21 -17.93 -9.33
N VAL B 352 26.48 -19.00 -8.60
CA VAL B 352 26.48 -20.35 -9.15
C VAL B 352 25.09 -20.80 -9.60
N LEU B 353 24.09 -20.52 -8.78
CA LEU B 353 22.71 -20.80 -9.10
C LEU B 353 22.30 -20.10 -10.40
N ASN B 354 22.61 -18.82 -10.51
CA ASN B 354 22.22 -18.07 -11.70
C ASN B 354 22.94 -18.59 -12.95
N ALA B 355 24.24 -18.87 -12.83
CA ALA B 355 25.05 -19.32 -13.96
C ALA B 355 24.62 -20.69 -14.47
N SER B 356 24.44 -21.64 -13.56
CA SER B 356 24.01 -22.99 -13.93
C SER B 356 22.59 -23.01 -14.50
N ASN B 357 21.70 -22.19 -13.94
CA ASN B 357 20.39 -22.00 -14.54
C ASN B 357 20.44 -21.43 -15.97
N GLU B 358 21.35 -20.50 -16.24
CA GLU B 358 21.49 -19.94 -17.59
C GLU B 358 21.76 -21.05 -18.63
N ILE B 359 22.61 -22.00 -18.26
CA ILE B 359 22.92 -23.14 -19.11
C ILE B 359 21.76 -24.13 -19.17
N ALA B 360 21.25 -24.54 -18.02
CA ALA B 360 20.14 -25.49 -17.96
C ALA B 360 18.87 -25.00 -18.68
N ASN B 361 18.55 -23.72 -18.49
CA ASN B 361 17.42 -23.04 -19.17
C ASN B 361 17.58 -23.17 -20.69
N ASN B 362 18.76 -22.81 -21.17
CA ASN B 362 19.04 -22.83 -22.60
C ASN B 362 19.02 -24.24 -23.21
N LEU B 363 19.50 -25.24 -22.47
CA LEU B 363 19.42 -26.64 -22.90
C LEU B 363 17.96 -27.12 -23.05
N PHE B 364 17.12 -26.81 -22.06
CA PHE B 364 15.70 -27.16 -22.13
C PHE B 364 14.99 -26.41 -23.26
N LEU B 365 15.25 -25.10 -23.38
CA LEU B 365 14.73 -24.29 -24.49
C LEU B 365 14.98 -24.96 -25.84
N ASN B 366 16.21 -25.43 -26.03
CA ASN B 366 16.64 -26.09 -27.27
C ASN B 366 16.46 -27.63 -27.33
N ASN B 367 15.62 -28.19 -26.44
CA ASN B 367 15.18 -29.59 -26.47
C ASN B 367 16.29 -30.61 -26.23
N LYS B 368 17.30 -30.24 -25.45
CA LYS B 368 18.43 -31.12 -25.17
C LYS B 368 18.28 -31.90 -23.88
N ILE B 369 17.47 -31.36 -22.96
CA ILE B 369 17.23 -31.98 -21.67
C ILE B 369 15.75 -31.87 -21.33
N LYS B 370 15.31 -32.65 -20.36
CA LYS B 370 13.92 -32.65 -19.90
C LYS B 370 13.75 -31.70 -18.71
N TYR B 371 12.49 -31.48 -18.33
CA TYR B 371 12.12 -30.53 -17.25
C TYR B 371 12.89 -30.77 -15.94
N PHE B 372 12.86 -32.00 -15.44
CA PHE B 372 13.53 -32.33 -14.16
C PHE B 372 15.06 -32.39 -14.25
N ASP B 373 15.59 -32.51 -15.47
CA ASP B 373 17.03 -32.36 -15.68
C ASP B 373 17.51 -30.93 -15.36
N ILE B 374 16.63 -29.93 -15.50
CA ILE B 374 17.03 -28.53 -15.23
C ILE B 374 17.50 -28.40 -13.78
N SER B 375 16.63 -28.78 -12.85
CA SER B 375 16.95 -28.77 -11.42
C SER B 375 18.05 -29.76 -11.05
N SER B 376 18.10 -30.92 -11.70
CA SER B 376 19.20 -31.86 -11.48
C SER B 376 20.59 -31.23 -11.80
N ILE B 377 20.72 -30.59 -12.95
CA ILE B 377 21.99 -29.97 -13.34
C ILE B 377 22.38 -28.86 -12.35
N ILE B 378 21.42 -27.99 -12.04
CA ILE B 378 21.67 -26.88 -11.13
C ILE B 378 22.11 -27.43 -9.75
N SER B 379 21.38 -28.43 -9.27
CA SER B 379 21.67 -29.09 -8.00
C SER B 379 23.10 -29.62 -7.96
N GLN B 380 23.52 -30.29 -9.02
CA GLN B 380 24.87 -30.87 -9.11
C GLN B 380 25.98 -29.83 -9.15
N VAL B 381 25.74 -28.73 -9.86
CA VAL B 381 26.72 -27.63 -9.90
C VAL B 381 26.84 -26.99 -8.50
N LEU B 382 25.71 -26.77 -7.84
CA LEU B 382 25.70 -26.22 -6.47
C LEU B 382 26.40 -27.15 -5.47
N GLU B 383 26.15 -28.45 -5.57
CA GLU B 383 26.86 -29.43 -4.72
C GLU B 383 28.35 -29.41 -4.97
N SER B 384 28.73 -29.19 -6.23
CA SER B 384 30.11 -29.15 -6.65
C SER B 384 30.88 -27.92 -6.14
N PHE B 385 30.21 -26.78 -5.99
CA PHE B 385 30.88 -25.54 -5.65
C PHE B 385 31.47 -25.57 -4.24
N ASN B 386 32.65 -24.98 -4.10
CA ASN B 386 33.24 -24.81 -2.79
C ASN B 386 33.31 -23.33 -2.48
N SER B 387 32.78 -22.93 -1.32
CA SER B 387 32.75 -21.53 -0.93
C SER B 387 34.15 -20.92 -0.93
N GLN B 388 34.23 -19.65 -1.32
CA GLN B 388 35.51 -18.93 -1.38
C GLN B 388 35.49 -17.75 -0.41
N LYS B 389 36.67 -17.40 0.12
CA LYS B 389 36.86 -16.14 0.83
C LYS B 389 36.41 -14.97 -0.04
N VAL B 390 35.55 -14.13 0.50
CA VAL B 390 35.01 -13.00 -0.27
C VAL B 390 36.04 -11.88 -0.26
N SER B 391 36.48 -11.47 -1.46
CA SER B 391 37.48 -10.39 -1.59
C SER B 391 36.97 -9.09 -0.97
N GLU B 392 37.87 -8.38 -0.29
CA GLU B 392 37.55 -7.09 0.30
C GLU B 392 37.63 -5.97 -0.73
N ASN B 393 38.54 -6.09 -1.69
CA ASN B 393 38.70 -5.10 -2.75
C ASN B 393 37.59 -5.25 -3.79
N SER B 394 36.97 -4.14 -4.18
CA SER B 394 35.80 -4.18 -5.05
C SER B 394 36.13 -4.72 -6.44
N GLU B 395 37.29 -4.35 -6.97
CA GLU B 395 37.75 -4.89 -8.26
C GLU B 395 38.08 -6.37 -8.18
N ASP B 396 38.77 -6.81 -7.12
CA ASP B 396 39.02 -8.25 -6.89
C ASP B 396 37.71 -9.03 -6.77
N LEU B 397 36.72 -8.45 -6.08
CA LEU B 397 35.42 -9.08 -5.90
C LEU B 397 34.70 -9.29 -7.23
N MET B 398 34.72 -8.26 -8.08
CA MET B 398 34.13 -8.36 -9.41
C MET B 398 34.77 -9.50 -10.21
N LYS B 399 36.11 -9.58 -10.17
CA LYS B 399 36.84 -10.61 -10.90
C LYS B 399 36.50 -12.00 -10.38
N GLN B 400 36.36 -12.10 -9.06
CA GLN B 400 35.94 -13.32 -8.40
C GLN B 400 34.55 -13.78 -8.89
N ILE B 401 33.59 -12.86 -8.90
CA ILE B 401 32.22 -13.18 -9.39
C ILE B 401 32.26 -13.67 -10.84
N LEU B 402 32.99 -12.96 -11.70
CA LEU B 402 33.14 -13.37 -13.11
C LEU B 402 33.76 -14.77 -13.25
N GLN B 403 34.78 -15.06 -12.45
CA GLN B 403 35.42 -16.39 -12.44
C GLN B 403 34.45 -17.50 -12.05
N ILE B 404 33.70 -17.27 -10.97
CA ILE B 404 32.74 -18.24 -10.47
C ILE B 404 31.59 -18.44 -11.48
N HIS B 405 31.11 -17.34 -12.05
CA HIS B 405 30.07 -17.40 -13.08
C HIS B 405 30.51 -18.29 -14.25
N SER B 406 31.71 -18.03 -14.77
CA SER B 406 32.30 -18.80 -15.88
C SER B 406 32.51 -20.27 -15.52
N TRP B 407 33.06 -20.52 -14.33
CA TRP B 407 33.22 -21.88 -13.81
C TRP B 407 31.88 -22.63 -13.78
N ALA B 408 30.84 -21.96 -13.28
CA ALA B 408 29.55 -22.63 -13.09
C ALA B 408 28.87 -22.95 -14.42
N LYS B 409 28.99 -22.05 -15.39
CA LYS B 409 28.46 -22.31 -16.73
C LYS B 409 29.18 -23.52 -17.36
N ASP B 410 30.51 -23.55 -17.23
CA ASP B 410 31.30 -24.67 -17.77
C ASP B 410 31.03 -25.98 -17.03
N LYS B 411 30.85 -25.92 -15.71
CA LYS B 411 30.47 -27.11 -14.93
C LYS B 411 29.14 -27.70 -15.38
N ALA B 412 28.12 -26.84 -15.56
CA ALA B 412 26.79 -27.30 -16.01
C ALA B 412 26.88 -27.95 -17.40
N THR B 413 27.65 -27.32 -18.28
CA THR B 413 27.84 -27.81 -19.63
C THR B 413 28.55 -29.17 -19.60
N ASP B 414 29.58 -29.30 -18.78
CA ASP B 414 30.29 -30.58 -18.64
C ASP B 414 29.37 -31.69 -18.13
N ILE B 415 28.53 -31.38 -17.14
CA ILE B 415 27.57 -32.35 -16.61
C ILE B 415 26.60 -32.79 -17.72
N TYR B 416 26.14 -31.84 -18.54
CA TYR B 416 25.28 -32.18 -19.66
C TYR B 416 26.02 -33.13 -20.62
N ASN B 417 27.23 -32.76 -21.01
CA ASN B 417 28.02 -33.58 -21.93
C ASN B 417 28.40 -34.97 -21.39
N LYS B 418 28.50 -35.14 -20.07
CA LYS B 418 28.67 -36.48 -19.46
C LYS B 418 27.47 -37.40 -19.71
N HIS B 419 26.31 -37.03 -19.18
CA HIS B 419 25.07 -37.79 -19.40
C HIS B 419 24.36 -37.20 -20.62
N ASN B 420 24.96 -37.42 -21.78
CA ASN B 420 24.53 -36.74 -23.03
C ASN B 420 23.26 -37.37 -23.60
O8 L56 C . -18.47 -2.59 5.62
P5 L56 C . -19.66 -2.57 6.47
O7 L56 C . -20.26 -1.20 6.48
O6 L56 C . -20.68 -3.57 5.94
C1 L56 C . -19.22 -3.04 8.16
C2 L56 C . -17.84 -2.46 8.50
C3 L56 C . -17.81 -1.89 9.96
C4 L56 C . -16.94 -0.65 9.98
N9 L56 C . -15.64 -0.71 10.41
C11 L56 C . -15.06 -1.94 10.96
O10 L56 C . -14.84 0.44 10.34
O12 L56 C . -17.40 0.39 9.53
C13 L56 C . -16.72 -3.52 8.29
C14 L56 C . -16.93 -4.78 9.15
C15 L56 C . -15.70 -5.71 9.03
C16 L56 C . -14.57 -5.22 9.91
C18 L56 C . -13.41 -4.66 9.34
C20 L56 C . -12.37 -4.23 10.15
C21 L56 C . -12.48 -4.37 11.54
C19 L56 C . -13.63 -4.93 12.11
C17 L56 C . -14.66 -5.37 11.29
C22 L56 C . -13.75 -5.09 13.60
MN MN D . -15.77 1.64 8.77
C1 GOL E . -14.81 -4.39 4.25
O1 GOL E . -14.53 -5.17 3.09
C2 GOL E . -13.52 -3.73 4.73
O2 GOL E . -12.55 -4.73 5.02
C3 GOL E . -13.84 -2.88 5.94
O3 GOL E . -12.70 -2.17 6.43
C1 EDO F . -21.53 20.72 7.87
O1 EDO F . -20.32 20.82 8.62
C2 EDO F . -21.40 19.62 6.81
O2 EDO F . -22.69 19.06 6.49
C1 EDO G . -8.30 -14.53 12.60
O1 EDO G . -7.26 -13.84 13.32
C2 EDO G . -7.71 -15.75 11.90
O2 EDO G . -8.63 -16.22 10.93
C1 EDO H . -18.44 16.49 -6.15
O1 EDO H . -17.24 16.07 -5.45
C2 EDO H . -18.65 15.67 -7.42
O2 EDO H . -17.44 14.96 -7.75
C1 EDO I . -17.96 10.63 28.15
O1 EDO I . -17.68 11.87 28.80
C2 EDO I . -19.34 10.69 27.49
O2 EDO I . -19.73 9.40 27.03
C1 EDO J . -8.48 14.39 -6.77
O1 EDO J . -8.67 14.32 -8.19
C2 EDO J . -9.37 13.35 -6.12
O2 EDO J . -10.74 13.71 -6.34
N4 6LR K . -32.78 14.20 -2.18
C3 6LR K . -33.13 15.50 -2.71
C2 6LR K . -32.24 16.51 -1.97
C5 6LR K . -31.39 13.73 -2.21
C6 6LR K . -30.50 14.85 -1.65
O1 6LR K . -30.87 16.15 -2.13
O8 L56 L . 7.61 -15.67 -12.49
P5 L56 L . 6.19 -15.41 -12.89
O7 L56 L . 5.48 -14.72 -11.78
O6 L56 L . 5.51 -16.69 -13.22
C1 L56 L . 6.19 -14.34 -14.37
C2 L56 L . 6.43 -12.89 -13.96
C3 L56 L . 7.41 -12.18 -14.95
C4 L56 L . 8.20 -11.15 -14.17
N9 L56 L . 7.81 -9.84 -14.15
C11 L56 L . 6.69 -9.33 -14.99
O10 L56 L . 8.52 -8.93 -13.34
O12 L56 L . 9.13 -11.55 -13.46
C13 L56 L . 5.06 -12.12 -13.85
C14 L56 L . 4.23 -12.20 -15.15
C15 L56 L . 2.95 -11.36 -15.01
C16 L56 L . 3.26 -9.89 -15.20
C18 L56 L . 3.16 -9.00 -14.11
C20 L56 L . 3.43 -7.64 -14.30
C21 L56 L . 3.78 -7.18 -15.57
C19 L56 L . 3.85 -8.07 -16.64
C17 L56 L . 3.58 -9.41 -16.45
C22 L56 L . 4.22 -7.57 -18.00
MN MN M . 9.41 -10.23 -11.84
C1 GOL N . 19.94 8.26 1.64
O1 GOL N . 19.96 9.49 0.91
C2 GOL N . 21.36 7.85 1.92
O2 GOL N . 22.07 7.64 0.68
C3 GOL N . 21.39 6.57 2.75
O3 GOL N . 22.75 6.20 2.98
C1 GOL O . 24.07 -27.32 -1.98
O1 GOL O . 24.25 -25.91 -1.77
C2 GOL O . 22.88 -27.56 -2.92
O2 GOL O . 21.87 -26.54 -2.76
C3 GOL O . 22.27 -28.93 -2.67
O3 GOL O . 21.69 -29.38 -3.91
C1 GOL P . 2.31 -12.30 -10.15
O1 GOL P . 1.19 -12.71 -9.35
C2 GOL P . 2.59 -10.83 -9.90
O2 GOL P . 1.48 -10.05 -10.34
C3 GOL P . 3.82 -10.43 -10.69
O3 GOL P . 4.10 -9.03 -10.51
C1 EDO Q . 27.27 -12.40 -4.20
O1 EDO Q . 27.75 -11.42 -5.15
C2 EDO Q . 26.18 -13.26 -4.80
O2 EDO Q . 26.66 -14.60 -4.96
C1 EDO R . 27.48 -11.86 -14.52
O1 EDO R . 28.53 -11.85 -13.55
C2 EDO R . 28.11 -11.56 -15.88
O2 EDO R . 27.22 -12.00 -16.91
C1 EDO S . 18.80 -16.33 6.12
O1 EDO S . 18.37 -14.98 5.83
C2 EDO S . 17.97 -16.97 7.24
O2 EDO S . 16.59 -16.62 7.10
#